data_9HUT
#
_entry.id   9HUT
#
_cell.length_a   74.337
_cell.length_b   90.775
_cell.length_c   83.210
_cell.angle_alpha   90.00
_cell.angle_beta   115.47
_cell.angle_gamma   90.00
#
_symmetry.space_group_name_H-M   'P 1 21 1'
#
loop_
_entity.id
_entity.type
_entity.pdbx_description
1 polymer 'Pteridine reductase'
2 non-polymer 'NADPH DIHYDRO-NICOTINAMIDE-ADENINE-DINUCLEOTIDE PHOSPHATE'
3 non-polymer 2-azanyl-~{N}-[2-(3-chlorophenyl)ethyl]-1,3-benzothiazole-6-carboxamide
4 non-polymer 1,2-ETHANEDIOL
5 water water
#
_entity_poly.entity_id   1
_entity_poly.type   'polypeptide(L)'
_entity_poly.pdbx_seq_one_letter_code
;MGSSHHHHHHSSGLVPRGSHMMEAPAAVVTGAAKRIGRAIAVKLHQTGYRVVIHYHNSAEAAVSLADELNKERSNTAVVC
QADLTNSNVLPASCEEIINSCFRAFGRCDVLVNNASAFYPTPLVQGDHEDNSNGKTVETQVAELIGTNAIAPFLLTMSFA
QRQKGTNPNCTSSNLSIVNLCDAMVDQP(CSX)MAFSLYNMGKHALVGLTQSAALELAPYGIRVNGVAPGVSLLPVAMGE
EEKDKWRRKVPLGRREASAEQIADAVIFLVSGSAQYITGSIIKVDGGLSLVHA
;
_entity_poly.pdbx_strand_id   A,B,C,D
#
loop_
_chem_comp.id
_chem_comp.type
_chem_comp.name
_chem_comp.formula
A1IXP non-polymer 2-azanyl-~{N}-[2-(3-chlorophenyl)ethyl]-1,3-benzothiazole-6-carboxamide 'C16 H14 Cl N3 O S'
EDO non-polymer 1,2-ETHANEDIOL 'C2 H6 O2'
NDP non-polymer 'NADPH DIHYDRO-NICOTINAMIDE-ADENINE-DINUCLEOTIDE PHOSPHATE' 'C21 H30 N7 O17 P3'
#
# COMPACT_ATOMS: atom_id res chain seq x y z
N GLU A 23 -20.28 8.19 34.89
CA GLU A 23 -19.00 8.89 35.21
C GLU A 23 -18.20 9.14 33.92
N ALA A 24 -17.16 9.97 34.07
CA ALA A 24 -16.20 10.31 33.05
C ALA A 24 -15.38 9.10 32.61
N PRO A 25 -15.18 8.90 31.28
CA PRO A 25 -14.29 7.84 30.80
C PRO A 25 -12.83 8.13 31.18
N ALA A 26 -12.00 7.07 31.21
CA ALA A 26 -10.57 7.13 31.47
C ALA A 26 -9.74 6.63 30.27
N ALA A 27 -8.57 7.24 30.10
CA ALA A 27 -7.63 6.89 29.05
C ALA A 27 -6.25 6.68 29.64
N VAL A 28 -5.51 5.70 29.11
CA VAL A 28 -4.10 5.54 29.37
C VAL A 28 -3.33 6.16 28.19
N VAL A 29 -2.41 7.09 28.48
CA VAL A 29 -1.55 7.59 27.40
C VAL A 29 -0.09 7.26 27.74
N THR A 30 0.60 6.53 26.85
CA THR A 30 1.97 6.12 27.10
C THR A 30 2.94 7.22 26.65
N GLY A 31 4.05 7.36 27.41
CA GLY A 31 5.03 8.44 27.26
C GLY A 31 4.40 9.82 27.19
N ALA A 32 3.55 10.14 28.18
CA ALA A 32 2.67 11.30 28.08
C ALA A 32 3.24 12.49 28.86
N ALA A 33 4.50 12.42 29.31
CA ALA A 33 4.99 13.54 30.12
C ALA A 33 5.30 14.77 29.26
N LYS A 34 5.64 14.55 27.98
CA LYS A 34 6.08 15.65 27.13
C LYS A 34 5.59 15.44 25.70
N ARG A 35 5.88 16.46 24.89
CA ARG A 35 5.73 16.45 23.44
C ARG A 35 4.36 15.91 23.03
N ILE A 36 4.33 14.96 22.09
CA ILE A 36 3.07 14.58 21.50
C ILE A 36 2.17 13.86 22.51
N GLY A 37 2.73 13.00 23.35
CA GLY A 37 1.91 12.31 24.35
C GLY A 37 1.20 13.28 25.30
N ARG A 38 1.91 14.32 25.75
CA ARG A 38 1.36 15.28 26.69
C ARG A 38 0.20 16.00 26.02
N ALA A 39 0.38 16.32 24.73
CA ALA A 39 -0.64 17.04 24.01
C ALA A 39 -1.89 16.17 23.87
N ILE A 40 -1.70 14.85 23.71
CA ILE A 40 -2.79 13.90 23.63
C ILE A 40 -3.47 13.77 25.01
N ALA A 41 -2.68 13.65 26.07
CA ALA A 41 -3.25 13.55 27.39
C ALA A 41 -4.08 14.80 27.68
N VAL A 42 -3.51 15.98 27.36
CA VAL A 42 -4.17 17.26 27.60
C VAL A 42 -5.50 17.34 26.86
N LYS A 43 -5.51 16.94 25.57
CA LYS A 43 -6.72 17.13 24.79
C LYS A 43 -7.77 16.11 25.26
N LEU A 44 -7.35 14.88 25.59
CA LEU A 44 -8.32 13.93 26.12
C LEU A 44 -8.89 14.51 27.41
N HIS A 45 -8.03 15.09 28.25
CA HIS A 45 -8.50 15.69 29.50
C HIS A 45 -9.53 16.79 29.26
N GLN A 46 -9.27 17.68 28.29
CA GLN A 46 -10.20 18.76 27.97
C GLN A 46 -11.53 18.24 27.40
N THR A 47 -11.53 17.05 26.77
CA THR A 47 -12.75 16.47 26.22
C THR A 47 -13.50 15.67 27.29
N GLY A 48 -12.98 15.68 28.52
CA GLY A 48 -13.71 15.12 29.66
C GLY A 48 -13.21 13.76 30.14
N TYR A 49 -12.02 13.32 29.67
CA TYR A 49 -11.44 12.07 30.14
C TYR A 49 -10.62 12.27 31.41
N ARG A 50 -10.69 11.25 32.29
CA ARG A 50 -9.65 10.96 33.28
C ARG A 50 -8.48 10.27 32.60
N VAL A 51 -7.25 10.61 33.02
CA VAL A 51 -6.05 10.23 32.30
C VAL A 51 -5.01 9.64 33.24
N VAL A 52 -4.40 8.55 32.76
CA VAL A 52 -3.17 8.00 33.27
C VAL A 52 -2.02 8.52 32.40
N ILE A 53 -1.08 9.23 33.02
CA ILE A 53 0.12 9.73 32.38
C ILE A 53 1.28 8.75 32.61
N HIS A 54 1.55 7.87 31.62
CA HIS A 54 2.67 6.95 31.74
C HIS A 54 3.95 7.71 31.40
N TYR A 55 5.03 7.44 32.13
CA TYR A 55 6.32 8.03 31.82
C TYR A 55 7.38 7.00 32.17
N HIS A 56 8.61 7.20 31.70
CA HIS A 56 9.69 6.31 32.07
C HIS A 56 10.65 7.10 32.96
N ASN A 57 11.37 8.05 32.35
CA ASN A 57 12.41 8.87 32.98
C ASN A 57 11.88 10.25 33.40
N SER A 58 10.84 10.75 32.71
CA SER A 58 10.44 12.14 32.87
C SER A 58 9.50 12.35 34.07
N ALA A 59 10.03 12.08 35.27
CA ALA A 59 9.22 12.08 36.50
C ALA A 59 8.69 13.46 36.83
N GLU A 60 9.59 14.45 36.84
CA GLU A 60 9.21 15.81 37.19
C GLU A 60 8.10 16.28 36.25
N ALA A 61 8.29 16.03 34.94
CA ALA A 61 7.43 16.56 33.89
C ALA A 61 6.06 15.89 33.91
N ALA A 62 6.02 14.57 34.21
CA ALA A 62 4.78 13.82 34.36
C ALA A 62 3.98 14.32 35.56
N VAL A 63 4.66 14.44 36.71
CA VAL A 63 4.01 14.91 37.92
C VAL A 63 3.50 16.33 37.71
N SER A 64 4.33 17.19 37.08
CA SER A 64 3.89 18.54 36.77
C SER A 64 2.60 18.55 35.95
N LEU A 65 2.53 17.71 34.90
CA LEU A 65 1.36 17.70 34.03
C LEU A 65 0.12 17.26 34.80
N ALA A 66 0.23 16.19 35.60
CA ALA A 66 -0.89 15.69 36.40
C ALA A 66 -1.36 16.77 37.38
N ASP A 67 -0.38 17.47 37.96
CA ASP A 67 -0.67 18.56 38.87
C ASP A 67 -1.59 19.57 38.18
N GLU A 68 -1.17 20.04 36.98
CA GLU A 68 -1.94 20.98 36.19
C GLU A 68 -3.36 20.46 35.93
N LEU A 69 -3.47 19.17 35.60
CA LEU A 69 -4.75 18.63 35.16
C LEU A 69 -5.69 18.47 36.35
N ASN A 70 -5.11 18.09 37.49
CA ASN A 70 -5.84 17.93 38.75
C ASN A 70 -6.35 19.28 39.25
N LYS A 71 -5.49 20.30 39.18
CA LYS A 71 -5.84 21.68 39.51
C LYS A 71 -7.00 22.15 38.64
N GLU A 72 -7.22 21.46 37.51
CA GLU A 72 -8.26 21.82 36.55
C GLU A 72 -9.58 21.14 36.91
N ARG A 73 -9.50 19.87 37.30
CA ARG A 73 -10.63 19.14 37.89
C ARG A 73 -9.97 18.09 38.77
N SER A 74 -10.30 18.08 40.07
CA SER A 74 -9.58 17.24 41.00
C SER A 74 -9.87 15.76 40.75
N ASN A 75 -8.88 14.92 41.07
CA ASN A 75 -8.97 13.46 40.99
C ASN A 75 -9.17 12.99 39.55
N THR A 76 -8.54 13.66 38.58
CA THR A 76 -8.80 13.28 37.19
C THR A 76 -7.54 12.84 36.45
N ALA A 77 -6.37 12.90 37.10
CA ALA A 77 -5.11 12.58 36.47
C ALA A 77 -4.16 11.86 37.44
N VAL A 78 -3.60 10.71 37.03
CA VAL A 78 -2.53 10.06 37.78
C VAL A 78 -1.35 9.76 36.86
N VAL A 79 -0.18 9.58 37.47
CA VAL A 79 1.02 9.17 36.76
C VAL A 79 1.23 7.68 37.00
N CYS A 80 2.12 7.06 36.18
CA CYS A 80 2.43 5.64 36.25
C CYS A 80 3.77 5.39 35.57
N GLN A 81 4.74 4.89 36.34
CA GLN A 81 6.09 4.77 35.82
C GLN A 81 6.27 3.35 35.32
N ALA A 82 6.89 3.21 34.14
CA ALA A 82 7.20 1.89 33.58
C ALA A 82 8.23 2.04 32.48
N ASP A 83 9.26 1.18 32.49
CA ASP A 83 10.13 0.98 31.34
C ASP A 83 9.39 0.08 30.36
N LEU A 84 9.39 0.45 29.07
CA LEU A 84 8.69 -0.29 28.03
C LEU A 84 9.67 -0.99 27.08
N THR A 85 10.92 -1.10 27.55
CA THR A 85 11.94 -1.92 26.93
C THR A 85 11.48 -3.37 27.02
N ASN A 86 11.74 -4.16 25.96
CA ASN A 86 11.40 -5.57 25.97
C ASN A 86 12.21 -6.33 27.02
N SER A 87 11.51 -7.19 27.75
CA SER A 87 12.12 -8.08 28.73
C SER A 87 11.09 -9.12 29.14
N ASN A 88 11.51 -10.09 29.96
CA ASN A 88 10.54 -11.05 30.47
C ASN A 88 9.56 -10.41 31.44
N VAL A 89 9.85 -9.22 31.95
CA VAL A 89 8.89 -8.62 32.85
C VAL A 89 8.05 -7.57 32.11
N LEU A 90 8.34 -7.34 30.83
CA LEU A 90 7.55 -6.35 30.11
C LEU A 90 6.04 -6.69 30.19
N PRO A 91 5.56 -7.96 30.07
CA PRO A 91 4.14 -8.23 30.23
C PRO A 91 3.53 -7.74 31.55
N ALA A 92 4.27 -7.98 32.65
CA ALA A 92 3.84 -7.50 33.96
C ALA A 92 3.75 -5.98 33.99
N SER A 93 4.77 -5.29 33.45
CA SER A 93 4.74 -3.85 33.48
C SER A 93 3.56 -3.32 32.69
N CYS A 94 3.25 -3.93 31.53
CA CYS A 94 2.13 -3.43 30.74
C CYS A 94 0.82 -3.72 31.47
N GLU A 95 0.70 -4.91 32.05
CA GLU A 95 -0.47 -5.24 32.84
C GLU A 95 -0.63 -4.21 33.96
N GLU A 96 0.49 -3.79 34.54
CA GLU A 96 0.44 -2.89 35.69
C GLU A 96 -0.05 -1.52 35.23
N ILE A 97 0.34 -1.12 34.02
CA ILE A 97 -0.11 0.16 33.50
C ILE A 97 -1.63 0.17 33.40
N ILE A 98 -2.18 -0.88 32.79
CA ILE A 98 -3.62 -0.95 32.63
C ILE A 98 -4.28 -0.98 34.02
N ASN A 99 -3.69 -1.75 34.95
CA ASN A 99 -4.28 -1.87 36.28
C ASN A 99 -4.28 -0.53 37.01
N SER A 100 -3.26 0.30 36.74
CA SER A 100 -3.21 1.64 37.32
C SER A 100 -4.46 2.43 36.97
N CYS A 101 -4.95 2.24 35.73
CA CYS A 101 -6.12 2.96 35.28
C CYS A 101 -7.37 2.48 36.02
N PHE A 102 -7.48 1.17 36.20
CA PHE A 102 -8.64 0.63 36.89
C PHE A 102 -8.58 0.97 38.38
N ARG A 103 -7.35 1.06 38.92
CA ARG A 103 -7.16 1.38 40.33
C ARG A 103 -7.52 2.85 40.58
N ALA A 104 -7.15 3.72 39.63
CA ALA A 104 -7.43 5.14 39.81
C ALA A 104 -8.89 5.45 39.53
N PHE A 105 -9.44 4.87 38.46
CA PHE A 105 -10.65 5.45 37.90
C PHE A 105 -11.77 4.42 37.72
N GLY A 106 -11.47 3.13 37.83
CA GLY A 106 -12.53 2.14 37.90
C GLY A 106 -12.89 1.60 36.51
N ARG A 107 -12.13 2.06 35.53
CA ARG A 107 -12.46 1.78 34.14
C ARG A 107 -11.25 2.16 33.30
N CYS A 108 -11.22 1.66 32.05
CA CYS A 108 -10.22 2.04 31.06
C CYS A 108 -10.87 2.01 29.69
N ASP A 109 -11.12 3.21 29.14
CA ASP A 109 -11.92 3.31 27.93
C ASP A 109 -11.04 3.38 26.68
N VAL A 110 -9.89 4.05 26.80
CA VAL A 110 -9.03 4.40 25.67
C VAL A 110 -7.58 4.07 26.02
N LEU A 111 -6.87 3.46 25.06
CA LEU A 111 -5.44 3.26 25.21
C LEU A 111 -4.75 3.94 24.04
N VAL A 112 -3.79 4.83 24.33
CA VAL A 112 -2.96 5.46 23.31
C VAL A 112 -1.52 4.95 23.45
N ASN A 113 -1.03 4.22 22.44
CA ASN A 113 0.35 3.74 22.41
C ASN A 113 1.20 4.80 21.71
N ASN A 114 1.77 5.70 22.54
CA ASN A 114 2.51 6.86 22.06
C ASN A 114 4.01 6.69 22.33
N ALA A 115 4.37 6.12 23.50
CA ALA A 115 5.76 5.93 23.90
C ALA A 115 6.58 5.34 22.74
N SER A 116 7.78 5.89 22.48
CA SER A 116 8.60 5.46 21.34
C SER A 116 10.09 5.76 21.57
N ALA A 117 10.95 4.76 21.39
CA ALA A 117 12.40 4.98 21.24
C ALA A 117 12.70 5.29 19.77
N PHE A 118 13.65 6.20 19.53
CA PHE A 118 13.97 6.60 18.16
C PHE A 118 15.45 6.97 18.05
N TYR A 119 16.22 6.12 17.37
CA TYR A 119 17.63 6.40 17.12
C TYR A 119 18.17 5.48 16.02
N PRO A 120 19.26 5.91 15.34
CA PRO A 120 19.89 5.07 14.31
C PRO A 120 20.47 3.74 14.82
N THR A 121 20.25 2.69 14.03
CA THR A 121 20.90 1.40 14.21
C THR A 121 21.53 0.95 12.90
N PRO A 122 22.73 1.46 12.55
CA PRO A 122 23.32 1.15 11.24
C PRO A 122 23.57 -0.36 11.07
N LEU A 123 23.40 -0.89 9.86
CA LEU A 123 23.63 -2.30 9.59
C LEU A 123 25.13 -2.58 9.42
N VAL A 124 25.80 -1.72 8.62
CA VAL A 124 27.22 -1.73 8.34
C VAL A 124 27.89 -0.75 9.32
N GLN A 125 28.52 -1.31 10.36
CA GLN A 125 28.98 -0.57 11.52
C GLN A 125 30.51 -0.63 11.58
N GLY A 134 27.98 3.41 24.09
CA GLY A 134 27.45 2.59 22.98
C GLY A 134 26.61 1.43 23.48
N LYS A 135 25.32 1.44 23.09
CA LYS A 135 24.36 0.40 23.41
C LYS A 135 24.69 -0.89 22.65
N THR A 136 24.46 -2.04 23.29
CA THR A 136 24.65 -3.32 22.62
C THR A 136 23.53 -3.49 21.57
N VAL A 137 23.67 -4.45 20.66
CA VAL A 137 22.60 -4.64 19.70
C VAL A 137 21.38 -5.24 20.41
N GLU A 138 21.64 -6.10 21.41
CA GLU A 138 20.61 -6.62 22.29
C GLU A 138 19.78 -5.48 22.86
N THR A 139 20.45 -4.40 23.24
CA THR A 139 19.77 -3.31 23.90
C THR A 139 18.94 -2.51 22.89
N GLN A 140 19.51 -2.28 21.71
CA GLN A 140 18.80 -1.60 20.65
C GLN A 140 17.52 -2.37 20.31
N VAL A 141 17.62 -3.70 20.18
CA VAL A 141 16.47 -4.49 19.80
C VAL A 141 15.42 -4.37 20.91
N ALA A 142 15.86 -4.52 22.15
CA ALA A 142 14.92 -4.44 23.26
C ALA A 142 14.14 -3.12 23.25
N GLU A 143 14.83 -1.99 23.07
CA GLU A 143 14.20 -0.68 23.22
C GLU A 143 13.37 -0.35 21.96
N LEU A 144 13.96 -0.49 20.78
CA LEU A 144 13.27 -0.04 19.58
C LEU A 144 12.10 -0.95 19.23
N ILE A 145 12.31 -2.27 19.29
CA ILE A 145 11.20 -3.20 19.05
C ILE A 145 10.26 -3.27 20.26
N GLY A 146 10.83 -3.21 21.48
CA GLY A 146 10.00 -3.24 22.67
C GLY A 146 9.07 -2.05 22.80
N THR A 147 9.61 -0.82 22.75
CA THR A 147 8.74 0.33 22.93
C THR A 147 7.75 0.44 21.79
N ASN A 148 8.25 0.24 20.56
CA ASN A 148 7.47 0.60 19.38
C ASN A 148 6.44 -0.47 19.00
N ALA A 149 6.59 -1.71 19.49
CA ALA A 149 5.73 -2.79 18.98
C ALA A 149 5.29 -3.79 20.05
N ILE A 150 6.24 -4.33 20.84
CA ILE A 150 5.91 -5.40 21.76
C ILE A 150 5.05 -4.84 22.88
N ALA A 151 5.49 -3.71 23.48
CA ALA A 151 4.72 -3.09 24.55
C ALA A 151 3.31 -2.72 24.09
N PRO A 152 3.13 -2.11 22.89
CA PRO A 152 1.78 -1.91 22.36
C PRO A 152 0.94 -3.20 22.32
N PHE A 153 1.55 -4.31 21.90
CA PHE A 153 0.85 -5.60 21.81
C PHE A 153 0.46 -6.06 23.21
N LEU A 154 1.44 -6.06 24.11
CA LEU A 154 1.14 -6.44 25.51
C LEU A 154 0.08 -5.53 26.12
N LEU A 155 0.21 -4.21 25.92
CA LEU A 155 -0.79 -3.32 26.48
C LEU A 155 -2.16 -3.59 25.86
N THR A 156 -2.18 -3.90 24.55
CA THR A 156 -3.41 -4.20 23.84
C THR A 156 -4.13 -5.40 24.49
N MET A 157 -3.39 -6.49 24.66
CA MET A 157 -3.79 -7.70 25.39
C MET A 157 -4.37 -7.34 26.77
N SER A 158 -3.60 -6.64 27.61
CA SER A 158 -4.06 -6.30 28.95
C SER A 158 -5.35 -5.47 28.93
N PHE A 159 -5.43 -4.45 28.03
CA PHE A 159 -6.59 -3.60 27.91
C PHE A 159 -7.83 -4.45 27.62
N ALA A 160 -7.72 -5.35 26.64
CA ALA A 160 -8.86 -6.10 26.18
C ALA A 160 -9.29 -7.12 27.24
N GLN A 161 -8.32 -7.81 27.86
CA GLN A 161 -8.61 -8.85 28.82
C GLN A 161 -9.32 -8.27 30.05
N ARG A 162 -8.93 -7.05 30.44
CA ARG A 162 -9.51 -6.35 31.58
C ARG A 162 -10.92 -5.84 31.31
N GLN A 163 -11.41 -5.90 30.06
CA GLN A 163 -12.79 -5.50 29.81
C GLN A 163 -13.72 -6.64 30.24
N LYS A 164 -14.66 -6.32 31.14
CA LYS A 164 -15.65 -7.25 31.69
C LYS A 164 -16.94 -6.49 32.01
N SER A 173 -21.02 2.82 25.85
CA SER A 173 -19.54 2.99 25.94
C SER A 173 -18.86 2.94 24.56
N ASN A 174 -17.59 3.36 24.56
CA ASN A 174 -16.89 3.55 23.30
C ASN A 174 -15.40 3.29 23.52
N LEU A 175 -15.04 2.00 23.49
CA LEU A 175 -13.69 1.52 23.74
C LEU A 175 -12.83 1.59 22.47
N SER A 176 -11.63 2.16 22.60
CA SER A 176 -10.75 2.14 21.43
C SER A 176 -9.28 2.25 21.81
N ILE A 177 -8.44 1.88 20.84
CA ILE A 177 -7.01 1.96 20.98
C ILE A 177 -6.50 2.81 19.81
N VAL A 178 -5.61 3.76 20.09
CA VAL A 178 -4.95 4.49 19.02
C VAL A 178 -3.44 4.30 19.10
N ASN A 179 -2.80 3.91 17.96
CA ASN A 179 -1.39 3.61 17.93
C ASN A 179 -0.70 4.73 17.14
N LEU A 180 0.36 5.33 17.70
CA LEU A 180 1.09 6.39 17.00
C LEU A 180 2.12 5.73 16.07
N CYS A 181 1.80 5.80 14.77
CA CYS A 181 2.54 5.12 13.72
C CYS A 181 3.51 6.12 13.09
N ASP A 182 3.81 6.01 11.80
CA ASP A 182 4.82 6.88 11.22
C ASP A 182 4.53 6.96 9.74
N ALA A 183 4.23 8.16 9.22
CA ALA A 183 3.77 8.26 7.86
C ALA A 183 4.89 7.94 6.86
N MET A 184 6.13 7.88 7.31
CA MET A 184 7.27 7.78 6.41
C MET A 184 7.87 6.38 6.45
N VAL A 185 7.12 5.40 7.01
CA VAL A 185 7.63 4.04 7.14
C VAL A 185 8.00 3.41 5.80
N ASP A 186 7.40 3.84 4.69
CA ASP A 186 7.82 3.20 3.44
C ASP A 186 8.87 4.02 2.72
N GLN A 187 9.35 5.10 3.34
CA GLN A 187 10.40 5.91 2.73
C GLN A 187 11.34 6.29 3.87
N PRO A 188 11.97 5.30 4.55
CA PRO A 188 12.56 5.53 5.86
C PRO A 188 13.85 6.36 5.81
N CSX A 189 14.24 6.87 6.97
CA CSX A 189 15.55 7.47 7.16
CB CSX A 189 15.69 8.14 8.52
SG CSX A 189 14.61 9.59 8.65
C CSX A 189 16.63 6.38 7.03
O CSX A 189 16.47 5.25 7.47
OD CSX A 189 15.37 10.74 8.02
N MET A 190 17.72 6.76 6.38
CA MET A 190 18.88 5.88 6.27
C MET A 190 19.33 5.47 7.68
N ALA A 191 19.57 4.17 7.87
CA ALA A 191 20.21 3.57 9.03
C ALA A 191 19.27 3.46 10.22
N PHE A 192 17.96 3.52 9.97
CA PHE A 192 17.00 3.36 11.06
C PHE A 192 16.21 2.07 10.91
N SER A 193 16.90 0.97 10.61
CA SER A 193 16.27 -0.33 10.33
C SER A 193 15.39 -0.79 11.48
N LEU A 194 15.86 -0.72 12.73
CA LEU A 194 15.10 -1.30 13.84
C LEU A 194 13.87 -0.46 14.18
N TYR A 195 14.03 0.86 14.19
CA TYR A 195 12.90 1.73 14.37
C TYR A 195 11.81 1.45 13.33
N ASN A 196 12.22 1.37 12.07
CA ASN A 196 11.29 1.13 10.98
CA ASN A 196 11.25 1.14 11.00
C ASN A 196 10.60 -0.23 11.14
N MET A 197 11.39 -1.24 11.55
CA MET A 197 10.83 -2.54 11.76
C MET A 197 9.78 -2.52 12.85
N GLY A 198 10.03 -1.76 13.92
CA GLY A 198 9.03 -1.67 14.98
C GLY A 198 7.76 -0.93 14.54
N LYS A 199 7.91 0.15 13.76
CA LYS A 199 6.74 0.89 13.31
C LYS A 199 5.91 0.07 12.30
N HIS A 200 6.58 -0.71 11.46
CA HIS A 200 5.86 -1.60 10.55
C HIS A 200 5.11 -2.67 11.37
N ALA A 201 5.77 -3.20 12.40
CA ALA A 201 5.08 -4.12 13.31
C ALA A 201 3.83 -3.50 13.91
N LEU A 202 3.89 -2.20 14.27
CA LEU A 202 2.78 -1.53 14.90
C LEU A 202 1.60 -1.41 13.94
N VAL A 203 1.90 -1.21 12.65
CA VAL A 203 0.87 -1.28 11.62
C VAL A 203 0.20 -2.66 11.61
N GLY A 204 1.02 -3.71 11.66
CA GLY A 204 0.51 -5.06 11.68
C GLY A 204 -0.33 -5.30 12.91
N LEU A 205 0.09 -4.73 14.04
CA LEU A 205 -0.70 -4.88 15.27
C LEU A 205 -2.04 -4.17 15.10
N THR A 206 -1.99 -2.95 14.54
CA THR A 206 -3.19 -2.15 14.34
C THR A 206 -4.26 -2.96 13.59
N GLN A 207 -3.87 -3.55 12.45
CA GLN A 207 -4.73 -4.37 11.60
C GLN A 207 -5.21 -5.64 12.31
N SER A 208 -4.25 -6.42 12.85
CA SER A 208 -4.58 -7.69 13.48
C SER A 208 -5.47 -7.48 14.69
N ALA A 209 -5.18 -6.44 15.48
CA ALA A 209 -5.97 -6.20 16.67
C ALA A 209 -7.34 -5.61 16.30
N ALA A 210 -7.38 -4.77 15.24
CA ALA A 210 -8.69 -4.29 14.80
C ALA A 210 -9.58 -5.50 14.48
N LEU A 211 -9.01 -6.44 13.71
CA LEU A 211 -9.77 -7.61 13.30
C LEU A 211 -10.27 -8.38 14.53
N GLU A 212 -9.36 -8.73 15.43
CA GLU A 212 -9.62 -9.68 16.50
C GLU A 212 -10.52 -9.08 17.57
N LEU A 213 -10.40 -7.76 17.82
CA LEU A 213 -11.09 -7.14 18.92
C LEU A 213 -12.41 -6.49 18.49
N ALA A 214 -12.70 -6.44 17.17
CA ALA A 214 -13.93 -5.83 16.68
C ALA A 214 -15.16 -6.51 17.27
N PRO A 215 -15.21 -7.88 17.37
CA PRO A 215 -16.34 -8.55 18.04
C PRO A 215 -16.53 -8.16 19.50
N TYR A 216 -15.51 -7.59 20.14
CA TYR A 216 -15.67 -7.14 21.51
C TYR A 216 -16.06 -5.66 21.53
N GLY A 217 -16.22 -5.04 20.36
CA GLY A 217 -16.58 -3.63 20.33
C GLY A 217 -15.41 -2.66 20.52
N ILE A 218 -14.18 -3.19 20.60
CA ILE A 218 -12.97 -2.37 20.74
C ILE A 218 -12.45 -1.99 19.36
N ARG A 219 -12.38 -0.70 19.07
CA ARG A 219 -11.81 -0.23 17.80
C ARG A 219 -10.31 0.00 17.98
N VAL A 220 -9.54 -0.16 16.89
CA VAL A 220 -8.10 -0.01 17.00
C VAL A 220 -7.66 0.73 15.75
N ASN A 221 -7.06 1.90 15.92
CA ASN A 221 -6.70 2.69 14.75
C ASN A 221 -5.32 3.27 14.99
N GLY A 222 -4.77 3.90 13.95
CA GLY A 222 -3.49 4.58 14.10
C GLY A 222 -3.55 6.02 13.59
N VAL A 223 -2.58 6.83 14.06
CA VAL A 223 -2.35 8.19 13.65
C VAL A 223 -0.89 8.21 13.22
N ALA A 224 -0.63 8.71 12.00
CA ALA A 224 0.73 8.60 11.48
C ALA A 224 1.31 9.98 11.17
N PRO A 225 2.11 10.60 12.08
CA PRO A 225 2.69 11.91 11.80
C PRO A 225 3.75 11.77 10.72
N GLY A 226 4.01 12.88 10.02
CA GLY A 226 5.19 12.98 9.19
C GLY A 226 6.35 13.52 10.00
N VAL A 227 6.55 14.84 9.93
CA VAL A 227 7.49 15.54 10.78
C VAL A 227 6.66 16.36 11.76
N SER A 228 6.82 16.10 13.05
CA SER A 228 6.08 16.90 14.01
C SER A 228 7.16 17.59 14.83
N LEU A 229 6.96 17.66 16.15
CA LEU A 229 7.97 18.26 17.03
C LEU A 229 9.33 17.66 16.71
N LEU A 230 10.26 18.52 16.26
CA LEU A 230 11.60 18.10 15.88
C LEU A 230 12.37 17.72 17.15
N PRO A 231 13.56 17.05 17.04
CA PRO A 231 14.34 16.66 18.23
C PRO A 231 14.88 17.88 18.99
N VAL A 232 14.77 17.80 20.33
CA VAL A 232 15.23 18.85 21.23
C VAL A 232 16.69 19.18 20.95
N ALA A 233 17.51 18.16 20.62
CA ALA A 233 18.94 18.33 20.39
C ALA A 233 19.25 18.70 18.95
N MET A 234 18.22 18.85 18.09
CA MET A 234 18.48 19.20 16.69
C MET A 234 18.67 20.71 16.56
N GLY A 235 19.59 21.10 15.68
CA GLY A 235 19.86 22.50 15.40
C GLY A 235 18.76 23.11 14.51
N GLU A 236 18.54 24.42 14.67
CA GLU A 236 17.53 25.15 13.92
C GLU A 236 17.81 25.07 12.42
N GLU A 237 19.09 24.93 12.05
CA GLU A 237 19.51 24.87 10.65
C GLU A 237 18.92 23.62 10.02
N GLU A 238 19.06 22.49 10.73
CA GLU A 238 18.60 21.19 10.26
C GLU A 238 17.08 21.21 10.27
N LYS A 239 16.48 21.71 11.35
CA LYS A 239 15.04 21.92 11.42
C LYS A 239 14.47 22.50 10.13
N ASP A 240 15.02 23.62 9.65
CA ASP A 240 14.49 24.34 8.51
C ASP A 240 14.63 23.52 7.22
N LYS A 241 15.69 22.70 7.16
CA LYS A 241 15.89 21.73 6.09
C LYS A 241 14.69 20.77 6.03
N TRP A 242 14.34 20.20 7.20
CA TRP A 242 13.20 19.29 7.21
C TRP A 242 11.91 20.06 6.97
N ARG A 243 11.74 21.23 7.59
CA ARG A 243 10.51 22.02 7.44
C ARG A 243 10.20 22.26 5.97
N ARG A 244 11.22 22.60 5.18
CA ARG A 244 10.99 23.08 3.82
C ARG A 244 10.54 21.95 2.90
N LYS A 245 10.59 20.69 3.38
CA LYS A 245 10.14 19.59 2.53
C LYS A 245 8.63 19.39 2.62
N VAL A 246 7.98 19.97 3.64
CA VAL A 246 6.54 19.79 3.85
C VAL A 246 5.72 20.60 2.86
N PRO A 247 4.95 19.96 1.93
CA PRO A 247 4.16 20.73 0.97
C PRO A 247 3.16 21.71 1.58
N LEU A 248 2.46 21.26 2.64
CA LEU A 248 1.39 22.08 3.18
C LEU A 248 1.96 23.01 4.26
N GLY A 249 2.48 24.16 3.87
CA GLY A 249 2.84 25.19 4.83
C GLY A 249 4.33 25.25 5.14
N ARG A 250 5.11 24.27 4.62
CA ARG A 250 6.54 24.19 4.88
C ARG A 250 6.80 24.32 6.39
N ARG A 251 6.07 23.54 7.18
CA ARG A 251 6.32 23.53 8.61
C ARG A 251 5.90 22.17 9.16
N GLU A 252 6.46 21.84 10.33
CA GLU A 252 6.16 20.60 11.04
C GLU A 252 4.74 20.70 11.62
N ALA A 253 4.12 19.53 11.85
CA ALA A 253 2.89 19.43 12.63
C ALA A 253 3.13 19.91 14.07
N SER A 254 2.17 20.67 14.60
CA SER A 254 2.11 20.94 16.03
C SER A 254 1.60 19.70 16.77
N ALA A 255 1.95 19.61 18.06
CA ALA A 255 1.56 18.48 18.88
C ALA A 255 0.05 18.44 18.93
N GLU A 256 -0.59 19.63 18.95
CA GLU A 256 -2.04 19.75 18.99
C GLU A 256 -2.68 19.09 17.76
N GLN A 257 -2.08 19.34 16.59
CA GLN A 257 -2.62 18.82 15.35
C GLN A 257 -2.60 17.29 15.33
N ILE A 258 -1.55 16.69 15.90
CA ILE A 258 -1.52 15.24 16.00
C ILE A 258 -2.61 14.76 16.98
N ALA A 259 -2.72 15.45 18.13
CA ALA A 259 -3.72 15.09 19.12
C ALA A 259 -5.13 15.17 18.54
N ASP A 260 -5.34 16.18 17.69
CA ASP A 260 -6.62 16.38 17.02
C ASP A 260 -7.11 15.10 16.34
N ALA A 261 -6.19 14.37 15.70
CA ALA A 261 -6.55 13.18 14.95
C ALA A 261 -6.86 12.03 15.92
N VAL A 262 -6.09 11.99 17.03
CA VAL A 262 -6.30 11.00 18.07
C VAL A 262 -7.72 11.18 18.63
N ILE A 263 -8.06 12.45 18.91
CA ILE A 263 -9.35 12.83 19.46
C ILE A 263 -10.49 12.44 18.52
N PHE A 264 -10.26 12.62 17.22
CA PHE A 264 -11.26 12.17 16.28
C PHE A 264 -11.48 10.66 16.41
N LEU A 265 -10.39 9.88 16.41
CA LEU A 265 -10.53 8.43 16.36
C LEU A 265 -11.19 7.88 17.63
N VAL A 266 -11.00 8.53 18.78
CA VAL A 266 -11.63 7.98 19.98
C VAL A 266 -13.12 8.40 20.07
N SER A 267 -13.50 9.48 19.38
CA SER A 267 -14.82 10.07 19.49
C SER A 267 -15.89 9.21 18.82
N GLY A 268 -17.15 9.48 19.17
CA GLY A 268 -18.28 8.82 18.53
C GLY A 268 -18.48 9.23 17.06
N SER A 269 -17.68 10.18 16.56
CA SER A 269 -17.67 10.49 15.13
C SER A 269 -16.91 9.43 14.31
N ALA A 270 -16.27 8.48 15.01
CA ALA A 270 -15.43 7.47 14.38
C ALA A 270 -15.91 6.06 14.73
N GLN A 271 -17.20 5.95 15.03
CA GLN A 271 -17.74 4.74 15.65
C GLN A 271 -17.72 3.58 14.68
N TYR A 272 -17.58 3.83 13.38
CA TYR A 272 -17.51 2.70 12.45
C TYR A 272 -16.08 2.50 11.95
N ILE A 273 -15.11 3.25 12.49
CA ILE A 273 -13.75 3.26 11.98
C ILE A 273 -12.90 2.34 12.84
N THR A 274 -12.30 1.34 12.18
CA THR A 274 -11.37 0.41 12.81
C THR A 274 -10.41 -0.12 11.78
N GLY A 275 -9.15 -0.28 12.22
CA GLY A 275 -8.04 -0.69 11.37
C GLY A 275 -7.61 0.37 10.36
N SER A 276 -7.92 1.66 10.61
CA SER A 276 -7.53 2.77 9.75
C SER A 276 -6.35 3.51 10.35
N ILE A 277 -5.41 3.95 9.51
CA ILE A 277 -4.32 4.78 9.99
C ILE A 277 -4.41 6.08 9.23
N ILE A 278 -4.55 7.18 9.98
CA ILE A 278 -4.71 8.49 9.38
C ILE A 278 -3.33 9.15 9.35
N LYS A 279 -2.85 9.51 8.16
CA LYS A 279 -1.59 10.23 8.14
C LYS A 279 -1.93 11.67 8.47
N VAL A 280 -1.06 12.29 9.25
CA VAL A 280 -1.18 13.71 9.57
C VAL A 280 0.20 14.30 9.27
N ASP A 281 0.49 14.50 7.99
CA ASP A 281 1.86 14.69 7.51
C ASP A 281 2.02 15.87 6.56
N GLY A 282 0.96 16.64 6.31
CA GLY A 282 1.08 17.83 5.48
C GLY A 282 1.46 17.52 4.04
N GLY A 283 1.22 16.30 3.59
CA GLY A 283 1.64 15.87 2.23
C GLY A 283 3.06 15.29 2.16
N LEU A 284 3.78 15.24 3.29
CA LEU A 284 5.22 14.94 3.23
C LEU A 284 5.49 13.59 2.54
N SER A 285 4.70 12.58 2.87
CA SER A 285 4.92 11.24 2.33
C SER A 285 4.64 11.17 0.83
N LEU A 286 4.07 12.20 0.20
CA LEU A 286 3.84 12.20 -1.25
C LEU A 286 5.01 12.78 -2.05
N VAL A 287 5.99 13.39 -1.36
CA VAL A 287 7.06 14.12 -2.05
C VAL A 287 8.15 13.12 -2.44
N HIS A 288 8.49 13.04 -3.73
CA HIS A 288 9.53 12.12 -4.15
C HIS A 288 10.92 12.69 -3.80
N ALA A 289 11.93 11.84 -3.94
CA ALA A 289 13.31 12.20 -3.67
C ALA A 289 13.76 13.34 -4.60
N GLU B 23 -18.85 35.77 6.99
N GLU B 23 -19.04 35.89 6.78
CA GLU B 23 -20.16 35.07 6.86
CA GLU B 23 -20.20 35.15 6.22
C GLU B 23 -19.91 33.56 6.76
C GLU B 23 -19.86 33.65 6.13
N ALA B 24 -20.90 32.82 6.24
CA ALA B 24 -20.82 31.35 6.26
C ALA B 24 -20.01 30.83 5.07
N PRO B 25 -19.17 29.79 5.26
CA PRO B 25 -18.51 29.11 4.13
C PRO B 25 -19.51 28.35 3.25
N ALA B 26 -19.09 28.03 2.04
CA ALA B 26 -19.93 27.30 1.09
C ALA B 26 -19.25 26.00 0.67
N ALA B 27 -20.08 24.97 0.44
CA ALA B 27 -19.61 23.64 0.05
C ALA B 27 -20.38 23.15 -1.17
N VAL B 28 -19.67 22.57 -2.17
CA VAL B 28 -20.36 21.82 -3.20
C VAL B 28 -20.30 20.32 -2.89
N VAL B 29 -21.46 19.64 -2.90
CA VAL B 29 -21.48 18.18 -2.76
C VAL B 29 -22.08 17.58 -4.04
N THR B 30 -21.35 16.66 -4.72
CA THR B 30 -21.92 16.06 -5.92
C THR B 30 -22.75 14.81 -5.60
N GLY B 31 -23.73 14.45 -6.47
CA GLY B 31 -24.69 13.37 -6.18
C GLY B 31 -25.29 13.51 -4.77
N ALA B 32 -25.79 14.72 -4.44
CA ALA B 32 -26.18 15.01 -3.07
C ALA B 32 -27.68 14.78 -2.84
N ALA B 33 -28.38 14.26 -3.83
CA ALA B 33 -29.83 14.18 -3.71
C ALA B 33 -30.28 13.10 -2.74
N LYS B 34 -29.43 12.05 -2.62
CA LYS B 34 -29.85 10.82 -1.97
C LYS B 34 -28.66 10.19 -1.27
N ARG B 35 -28.94 9.36 -0.25
CA ARG B 35 -28.00 8.38 0.27
C ARG B 35 -26.80 9.10 0.88
N ILE B 36 -25.58 8.65 0.55
CA ILE B 36 -24.42 9.24 1.20
C ILE B 36 -24.28 10.74 0.91
N GLY B 37 -24.39 11.17 -0.36
CA GLY B 37 -24.20 12.60 -0.66
C GLY B 37 -25.19 13.50 0.07
N ARG B 38 -26.41 12.97 0.29
CA ARG B 38 -27.45 13.66 1.03
C ARG B 38 -27.04 13.87 2.47
N ALA B 39 -26.53 12.79 3.12
CA ALA B 39 -26.15 12.84 4.53
C ALA B 39 -25.00 13.83 4.71
N ILE B 40 -24.10 13.90 3.72
CA ILE B 40 -22.97 14.86 3.74
C ILE B 40 -23.46 16.32 3.65
N ALA B 41 -24.31 16.58 2.66
CA ALA B 41 -24.90 17.92 2.52
C ALA B 41 -25.52 18.42 3.84
N VAL B 42 -26.35 17.57 4.46
CA VAL B 42 -27.04 17.85 5.70
C VAL B 42 -26.04 18.11 6.81
N LYS B 43 -25.01 17.25 6.95
CA LYS B 43 -24.10 17.42 8.07
C LYS B 43 -23.29 18.71 7.88
N LEU B 44 -23.00 19.04 6.62
CA LEU B 44 -22.26 20.25 6.29
C LEU B 44 -23.13 21.47 6.65
N HIS B 45 -24.40 21.44 6.21
CA HIS B 45 -25.38 22.46 6.58
C HIS B 45 -25.46 22.63 8.10
N GLN B 46 -25.67 21.52 8.81
CA GLN B 46 -25.82 21.60 10.26
C GLN B 46 -24.57 22.21 10.89
N THR B 47 -23.46 22.18 10.14
CA THR B 47 -22.17 22.52 10.73
C THR B 47 -21.97 24.02 10.62
N GLY B 48 -22.66 24.61 9.65
CA GLY B 48 -22.71 26.05 9.45
C GLY B 48 -22.57 26.40 7.97
N TYR B 49 -22.41 25.38 7.15
CA TYR B 49 -22.09 25.59 5.74
C TYR B 49 -23.35 25.89 4.97
N ARG B 50 -23.18 26.73 3.94
CA ARG B 50 -24.14 26.84 2.86
C ARG B 50 -23.75 25.82 1.82
N VAL B 51 -24.73 25.22 1.15
CA VAL B 51 -24.44 24.04 0.36
C VAL B 51 -25.05 24.17 -1.02
N VAL B 52 -24.30 23.74 -2.03
CA VAL B 52 -24.82 23.44 -3.36
C VAL B 52 -25.10 21.95 -3.44
N ILE B 53 -26.37 21.58 -3.66
CA ILE B 53 -26.79 20.20 -3.79
C ILE B 53 -26.78 19.83 -5.27
N HIS B 54 -25.70 19.17 -5.77
CA HIS B 54 -25.64 18.76 -7.17
C HIS B 54 -26.39 17.44 -7.32
N TYR B 55 -26.96 17.22 -8.51
CA TYR B 55 -27.79 16.06 -8.75
C TYR B 55 -27.79 15.83 -10.25
N HIS B 56 -28.13 14.61 -10.65
CA HIS B 56 -28.24 14.26 -12.05
C HIS B 56 -29.72 14.08 -12.40
N ASN B 57 -30.37 13.03 -11.86
CA ASN B 57 -31.75 12.68 -12.15
C ASN B 57 -32.71 13.00 -11.01
N SER B 58 -32.19 12.98 -9.78
CA SER B 58 -33.13 13.03 -8.67
C SER B 58 -33.48 14.47 -8.30
N ALA B 59 -34.15 15.17 -9.24
CA ALA B 59 -34.53 16.57 -9.07
C ALA B 59 -35.45 16.77 -7.86
N GLU B 60 -36.44 15.87 -7.73
CA GLU B 60 -37.47 15.92 -6.69
C GLU B 60 -36.77 15.83 -5.34
N ALA B 61 -35.89 14.84 -5.23
CA ALA B 61 -35.10 14.60 -4.05
C ALA B 61 -34.24 15.82 -3.72
N ALA B 62 -33.65 16.46 -4.73
CA ALA B 62 -32.71 17.56 -4.49
C ALA B 62 -33.41 18.82 -3.93
N VAL B 63 -34.58 19.08 -4.50
CA VAL B 63 -35.37 20.26 -4.15
C VAL B 63 -35.84 20.17 -2.70
N SER B 64 -36.30 18.96 -2.28
CA SER B 64 -36.87 18.74 -0.97
C SER B 64 -35.82 18.94 0.09
N LEU B 65 -34.63 18.39 -0.21
CA LEU B 65 -33.49 18.62 0.65
C LEU B 65 -33.25 20.13 0.78
N ALA B 66 -33.21 20.82 -0.34
CA ALA B 66 -32.89 22.26 -0.38
C ALA B 66 -33.90 23.09 0.44
N ASP B 67 -35.19 22.74 0.28
CA ASP B 67 -36.30 23.42 0.93
C ASP B 67 -36.19 23.21 2.45
N GLU B 68 -35.85 21.98 2.87
CA GLU B 68 -35.78 21.63 4.27
C GLU B 68 -34.65 22.40 4.95
N LEU B 69 -33.51 22.46 4.26
CA LEU B 69 -32.29 23.13 4.73
C LEU B 69 -32.54 24.63 4.82
N ASN B 70 -33.16 25.17 3.76
CA ASN B 70 -33.58 26.56 3.67
C ASN B 70 -34.65 26.91 4.70
N LYS B 71 -35.45 25.92 5.13
CA LYS B 71 -36.42 26.12 6.18
C LYS B 71 -35.68 26.26 7.51
N GLU B 72 -34.55 25.52 7.67
CA GLU B 72 -33.81 25.60 8.91
C GLU B 72 -33.08 26.94 8.99
N ARG B 73 -32.56 27.42 7.84
CA ARG B 73 -31.79 28.66 7.71
C ARG B 73 -32.00 29.23 6.32
N SER B 74 -32.54 30.45 6.23
CA SER B 74 -32.93 31.05 4.96
C SER B 74 -31.73 31.29 4.05
N ASN B 75 -31.91 30.94 2.77
CA ASN B 75 -30.91 31.24 1.75
C ASN B 75 -29.56 30.58 2.05
N THR B 76 -29.56 29.31 2.46
CA THR B 76 -28.31 28.62 2.74
C THR B 76 -28.09 27.40 1.85
N ALA B 77 -28.98 27.20 0.86
CA ALA B 77 -28.95 25.96 0.08
C ALA B 77 -29.58 26.18 -1.29
N VAL B 78 -28.88 25.70 -2.33
CA VAL B 78 -29.33 25.75 -3.71
C VAL B 78 -29.03 24.40 -4.37
N VAL B 79 -29.71 24.13 -5.50
CA VAL B 79 -29.53 22.87 -6.24
C VAL B 79 -28.87 23.22 -7.57
N CYS B 80 -28.26 22.21 -8.20
CA CYS B 80 -27.57 22.35 -9.48
C CYS B 80 -27.59 21.00 -10.19
N GLN B 81 -28.18 20.95 -11.40
CA GLN B 81 -28.30 19.74 -12.21
C GLN B 81 -27.09 19.62 -13.14
N ALA B 82 -26.53 18.39 -13.29
CA ALA B 82 -25.49 18.09 -14.26
C ALA B 82 -25.19 16.60 -14.38
N ASP B 83 -24.97 16.16 -15.62
CA ASP B 83 -24.49 14.83 -15.91
C ASP B 83 -22.96 14.81 -15.84
N LEU B 84 -22.38 13.79 -15.16
CA LEU B 84 -20.94 13.81 -14.90
C LEU B 84 -20.22 12.76 -15.76
N THR B 85 -20.92 12.23 -16.76
CA THR B 85 -20.37 11.28 -17.73
C THR B 85 -19.29 11.97 -18.58
N ASN B 86 -18.33 11.17 -19.09
CA ASN B 86 -17.16 11.63 -19.85
C ASN B 86 -17.52 11.94 -21.30
N SER B 87 -17.13 13.16 -21.74
CA SER B 87 -17.39 13.67 -23.08
C SER B 87 -16.71 15.04 -23.23
N ASN B 88 -16.85 15.61 -24.43
CA ASN B 88 -16.32 16.93 -24.75
C ASN B 88 -17.03 18.05 -23.99
N VAL B 89 -18.21 17.78 -23.43
CA VAL B 89 -18.92 18.82 -22.70
C VAL B 89 -18.70 18.76 -21.17
N LEU B 90 -18.07 17.68 -20.68
CA LEU B 90 -17.92 17.47 -19.24
C LEU B 90 -17.16 18.62 -18.61
N PRO B 91 -16.02 19.07 -19.20
CA PRO B 91 -15.27 20.20 -18.65
C PRO B 91 -16.12 21.44 -18.41
N ALA B 92 -17.00 21.75 -19.38
CA ALA B 92 -17.92 22.88 -19.25
C ALA B 92 -18.88 22.64 -18.11
N SER B 93 -19.44 21.42 -18.03
CA SER B 93 -20.36 21.07 -16.96
C SER B 93 -19.73 21.30 -15.59
N CYS B 94 -18.47 20.87 -15.42
CA CYS B 94 -17.84 20.96 -14.10
C CYS B 94 -17.52 22.41 -13.76
N GLU B 95 -17.10 23.21 -14.73
CA GLU B 95 -16.87 24.63 -14.54
C GLU B 95 -18.16 25.28 -14.02
N GLU B 96 -19.30 24.86 -14.58
CA GLU B 96 -20.60 25.44 -14.28
C GLU B 96 -21.04 25.10 -12.85
N ILE B 97 -20.68 23.88 -12.40
CA ILE B 97 -21.05 23.44 -11.08
C ILE B 97 -20.34 24.33 -10.09
N ILE B 98 -19.05 24.57 -10.34
CA ILE B 98 -18.26 25.36 -9.41
C ILE B 98 -18.79 26.80 -9.43
N ASN B 99 -19.06 27.31 -10.61
CA ASN B 99 -19.59 28.66 -10.81
C ASN B 99 -20.83 28.85 -9.93
N SER B 100 -21.72 27.85 -9.97
CA SER B 100 -23.00 27.90 -9.31
C SER B 100 -22.82 28.15 -7.81
N CYS B 101 -21.74 27.60 -7.22
CA CYS B 101 -21.47 27.89 -5.81
C CYS B 101 -21.12 29.38 -5.62
N PHE B 102 -20.36 29.96 -6.56
CA PHE B 102 -19.83 31.32 -6.41
C PHE B 102 -20.94 32.35 -6.61
N ARG B 103 -21.74 32.15 -7.68
CA ARG B 103 -22.93 32.95 -7.97
C ARG B 103 -23.94 32.89 -6.82
N ALA B 104 -24.03 31.76 -6.12
CA ALA B 104 -25.03 31.66 -5.06
C ALA B 104 -24.47 32.25 -3.76
N PHE B 105 -23.19 31.98 -3.45
CA PHE B 105 -22.75 32.24 -2.09
C PHE B 105 -21.54 33.17 -2.06
N GLY B 106 -20.97 33.46 -3.22
CA GLY B 106 -19.86 34.42 -3.28
C GLY B 106 -18.52 33.76 -2.97
N ARG B 107 -18.51 32.43 -2.81
CA ARG B 107 -17.32 31.69 -2.41
C ARG B 107 -17.60 30.18 -2.49
N CYS B 108 -16.52 29.38 -2.47
CA CYS B 108 -16.60 27.92 -2.52
C CYS B 108 -15.44 27.37 -1.70
N ASP B 109 -15.75 26.94 -0.46
CA ASP B 109 -14.73 26.58 0.50
C ASP B 109 -14.42 25.09 0.46
N VAL B 110 -15.41 24.29 0.05
CA VAL B 110 -15.30 22.84 0.16
C VAL B 110 -15.84 22.25 -1.13
N LEU B 111 -15.17 21.20 -1.59
CA LEU B 111 -15.75 20.40 -2.64
C LEU B 111 -15.74 18.94 -2.19
N VAL B 112 -16.91 18.28 -2.25
CA VAL B 112 -17.03 16.86 -1.96
C VAL B 112 -17.38 16.13 -3.26
N ASN B 113 -16.42 15.33 -3.76
CA ASN B 113 -16.64 14.47 -4.93
C ASN B 113 -17.29 13.16 -4.51
N ASN B 114 -18.62 13.13 -4.50
CA ASN B 114 -19.39 11.99 -4.00
C ASN B 114 -20.04 11.20 -5.12
N ALA B 115 -20.51 11.88 -6.18
CA ALA B 115 -21.26 11.20 -7.23
C ALA B 115 -20.49 10.03 -7.79
N SER B 116 -21.21 8.94 -8.12
CA SER B 116 -20.56 7.71 -8.54
C SER B 116 -21.55 6.82 -9.29
N ALA B 117 -21.07 6.27 -10.42
CA ALA B 117 -21.73 5.15 -11.08
C ALA B 117 -21.06 3.85 -10.62
N PHE B 118 -21.86 2.78 -10.51
CA PHE B 118 -21.38 1.50 -10.02
C PHE B 118 -22.23 0.40 -10.64
N TYR B 119 -21.65 -0.38 -11.54
CA TYR B 119 -22.28 -1.58 -12.08
C TYR B 119 -21.20 -2.45 -12.71
N PRO B 120 -21.44 -3.76 -12.94
CA PRO B 120 -20.39 -4.65 -13.39
C PRO B 120 -20.09 -4.40 -14.86
N THR B 121 -18.84 -4.66 -15.26
CA THR B 121 -18.39 -4.55 -16.64
C THR B 121 -17.50 -5.76 -16.98
N PRO B 122 -18.06 -6.97 -17.18
CA PRO B 122 -17.25 -8.18 -17.36
C PRO B 122 -16.31 -8.10 -18.56
N LEU B 123 -15.11 -8.69 -18.42
CA LEU B 123 -14.14 -8.65 -19.50
C LEU B 123 -14.48 -9.72 -20.53
N VAL B 124 -15.16 -10.78 -20.07
CA VAL B 124 -15.63 -11.86 -20.94
C VAL B 124 -17.17 -11.91 -20.89
N GLY B 134 -27.70 -2.95 -20.92
CA GLY B 134 -27.28 -3.23 -22.32
C GLY B 134 -26.53 -2.05 -22.95
N LYS B 135 -25.48 -1.58 -22.26
CA LYS B 135 -24.74 -0.38 -22.65
C LYS B 135 -23.59 -0.75 -23.56
N THR B 136 -23.14 0.19 -24.40
CA THR B 136 -21.93 -0.09 -25.17
C THR B 136 -20.72 0.01 -24.25
N VAL B 137 -19.60 -0.60 -24.67
CA VAL B 137 -18.37 -0.50 -23.89
C VAL B 137 -17.94 0.97 -23.77
N GLU B 138 -18.17 1.77 -24.81
CA GLU B 138 -17.65 3.14 -24.75
C GLU B 138 -18.46 3.95 -23.74
N THR B 139 -19.74 3.60 -23.60
CA THR B 139 -20.71 4.17 -22.67
C THR B 139 -20.32 3.84 -21.22
N GLN B 140 -20.00 2.56 -20.98
CA GLN B 140 -19.53 2.05 -19.70
C GLN B 140 -18.27 2.83 -19.25
N VAL B 141 -17.33 3.00 -20.17
CA VAL B 141 -16.10 3.73 -19.92
C VAL B 141 -16.46 5.17 -19.56
N ALA B 142 -17.26 5.78 -20.45
CA ALA B 142 -17.65 7.15 -20.24
C ALA B 142 -18.32 7.32 -18.88
N GLU B 143 -19.18 6.39 -18.49
CA GLU B 143 -19.95 6.61 -17.26
C GLU B 143 -19.12 6.29 -16.02
N LEU B 144 -18.39 5.18 -16.04
CA LEU B 144 -17.67 4.72 -14.84
C LEU B 144 -16.38 5.51 -14.66
N ILE B 145 -15.67 5.79 -15.77
CA ILE B 145 -14.47 6.60 -15.67
C ILE B 145 -14.83 8.08 -15.52
N GLY B 146 -15.91 8.49 -16.22
CA GLY B 146 -16.35 9.87 -16.20
C GLY B 146 -16.77 10.32 -14.80
N THR B 147 -17.76 9.65 -14.19
CA THR B 147 -18.28 10.05 -12.89
C THR B 147 -17.24 9.92 -11.77
N ASN B 148 -16.47 8.82 -11.82
CA ASN B 148 -15.67 8.40 -10.68
C ASN B 148 -14.28 9.06 -10.70
N ALA B 149 -13.80 9.47 -11.88
CA ALA B 149 -12.42 9.95 -11.95
C ALA B 149 -12.31 11.30 -12.67
N ILE B 150 -12.78 11.34 -13.90
CA ILE B 150 -12.56 12.52 -14.75
C ILE B 150 -13.30 13.75 -14.24
N ALA B 151 -14.59 13.61 -13.90
CA ALA B 151 -15.36 14.72 -13.36
C ALA B 151 -14.74 15.22 -12.05
N PRO B 152 -14.35 14.35 -11.08
CA PRO B 152 -13.56 14.85 -9.94
C PRO B 152 -12.32 15.65 -10.34
N PHE B 153 -11.64 15.30 -11.44
CA PHE B 153 -10.42 16.00 -11.82
C PHE B 153 -10.79 17.41 -12.32
N LEU B 154 -11.81 17.46 -13.17
CA LEU B 154 -12.31 18.72 -13.71
C LEU B 154 -12.84 19.63 -12.61
N LEU B 155 -13.61 19.06 -11.69
CA LEU B 155 -14.12 19.85 -10.58
C LEU B 155 -12.97 20.43 -9.75
N THR B 156 -11.93 19.61 -9.50
CA THR B 156 -10.76 19.98 -8.75
C THR B 156 -10.07 21.15 -9.46
N MET B 157 -9.91 21.05 -10.78
CA MET B 157 -9.26 22.11 -11.54
C MET B 157 -10.08 23.40 -11.41
N SER B 158 -11.40 23.27 -11.52
CA SER B 158 -12.24 24.46 -11.53
C SER B 158 -12.26 25.06 -10.13
N PHE B 159 -12.34 24.18 -9.11
CA PHE B 159 -12.32 24.64 -7.74
C PHE B 159 -11.04 25.45 -7.54
N ALA B 160 -9.89 24.89 -7.95
CA ALA B 160 -8.63 25.53 -7.61
C ALA B 160 -8.46 26.84 -8.38
N GLN B 161 -8.80 26.83 -9.66
CA GLN B 161 -8.60 28.01 -10.50
C GLN B 161 -9.48 29.19 -10.06
N ARG B 162 -10.68 28.93 -9.49
CA ARG B 162 -11.60 30.00 -9.17
C ARG B 162 -11.31 30.62 -7.80
N GLN B 163 -10.26 30.20 -7.12
CA GLN B 163 -10.02 30.74 -5.78
C GLN B 163 -9.44 32.16 -5.91
N LYS B 164 -9.90 33.07 -5.05
CA LYS B 164 -9.39 34.43 -4.99
C LYS B 164 -9.25 34.85 -3.52
N SER B 173 -9.73 30.80 3.34
CA SER B 173 -9.08 29.91 4.34
C SER B 173 -9.97 28.69 4.62
N ASN B 174 -9.33 27.65 5.17
CA ASN B 174 -9.87 26.31 5.33
C ASN B 174 -10.52 25.80 4.04
N LEU B 175 -9.75 25.79 2.95
CA LEU B 175 -10.25 25.24 1.70
C LEU B 175 -9.90 23.75 1.65
N SER B 176 -10.87 22.90 1.31
CA SER B 176 -10.49 21.51 1.17
C SER B 176 -11.39 20.78 0.16
N ILE B 177 -10.85 19.68 -0.34
CA ILE B 177 -11.57 18.76 -1.19
C ILE B 177 -11.58 17.39 -0.50
N VAL B 178 -12.75 16.70 -0.57
CA VAL B 178 -12.87 15.36 -0.05
C VAL B 178 -13.39 14.47 -1.18
N ASN B 179 -12.67 13.39 -1.50
CA ASN B 179 -13.08 12.49 -2.58
C ASN B 179 -13.59 11.20 -1.94
N LEU B 180 -14.77 10.73 -2.36
CA LEU B 180 -15.31 9.48 -1.83
C LEU B 180 -14.69 8.31 -2.57
N CYS B 181 -13.84 7.56 -1.85
CA CYS B 181 -13.03 6.50 -2.43
C CYS B 181 -13.71 5.15 -2.16
N ASP B 182 -12.95 4.05 -2.04
CA ASP B 182 -13.59 2.75 -1.83
C ASP B 182 -12.60 1.88 -1.07
N ALA B 183 -12.97 1.41 0.13
CA ALA B 183 -11.98 0.70 0.95
C ALA B 183 -11.60 -0.65 0.35
N MET B 184 -12.38 -1.11 -0.64
CA MET B 184 -12.19 -2.47 -1.13
C MET B 184 -11.49 -2.50 -2.49
N VAL B 185 -10.74 -1.43 -2.83
CA VAL B 185 -10.21 -1.32 -4.17
C VAL B 185 -9.09 -2.32 -4.44
N ASP B 186 -8.43 -2.85 -3.39
CA ASP B 186 -7.42 -3.86 -3.66
C ASP B 186 -7.96 -5.28 -3.50
N GLN B 187 -9.26 -5.41 -3.18
CA GLN B 187 -9.90 -6.72 -3.09
C GLN B 187 -11.22 -6.60 -3.83
N PRO B 188 -11.17 -6.29 -5.15
CA PRO B 188 -12.34 -5.85 -5.89
C PRO B 188 -13.44 -6.90 -6.01
N CSX B 189 -14.67 -6.43 -6.23
CA CSX B 189 -15.77 -7.28 -6.68
CB CSX B 189 -17.09 -6.49 -6.72
SG CSX B 189 -17.65 -6.09 -5.06
C CSX B 189 -15.41 -7.81 -8.07
O CSX B 189 -14.88 -7.11 -8.91
OD CSX B 189 -18.48 -7.27 -4.67
N MET B 190 -15.75 -9.08 -8.29
CA MET B 190 -15.52 -9.77 -9.56
C MET B 190 -16.28 -9.05 -10.68
N ALA B 191 -15.64 -8.84 -11.84
CA ALA B 191 -16.25 -8.24 -13.02
C ALA B 191 -16.62 -6.76 -12.85
N PHE B 192 -15.90 -6.04 -11.99
CA PHE B 192 -16.05 -4.60 -11.78
C PHE B 192 -14.77 -3.86 -12.24
N SER B 193 -14.16 -4.29 -13.35
CA SER B 193 -12.84 -3.74 -13.66
CA SER B 193 -12.86 -3.75 -13.72
C SER B 193 -12.93 -2.22 -13.84
N LEU B 194 -13.94 -1.74 -14.59
CA LEU B 194 -13.92 -0.32 -14.94
C LEU B 194 -14.21 0.52 -13.70
N TYR B 195 -15.19 0.09 -12.91
CA TYR B 195 -15.46 0.75 -11.64
C TYR B 195 -14.16 0.85 -10.84
N ASN B 196 -13.44 -0.28 -10.73
CA ASN B 196 -12.25 -0.33 -9.89
CA ASN B 196 -12.26 -0.32 -9.90
C ASN B 196 -11.19 0.58 -10.48
N MET B 197 -11.06 0.60 -11.82
CA MET B 197 -10.08 1.48 -12.43
C MET B 197 -10.38 2.95 -12.09
N GLY B 198 -11.65 3.36 -12.18
CA GLY B 198 -12.04 4.69 -11.78
C GLY B 198 -11.71 5.02 -10.31
N LYS B 199 -12.01 4.10 -9.39
CA LYS B 199 -11.74 4.35 -7.97
C LYS B 199 -10.25 4.44 -7.69
N HIS B 200 -9.44 3.56 -8.31
CA HIS B 200 -7.98 3.69 -8.29
C HIS B 200 -7.51 5.03 -8.85
N ALA B 201 -8.08 5.46 -10.00
CA ALA B 201 -7.73 6.78 -10.53
C ALA B 201 -7.98 7.88 -9.50
N LEU B 202 -9.11 7.80 -8.79
CA LEU B 202 -9.46 8.80 -7.78
C LEU B 202 -8.45 8.87 -6.65
N VAL B 203 -7.86 7.72 -6.29
CA VAL B 203 -6.79 7.70 -5.29
C VAL B 203 -5.59 8.50 -5.80
N GLY B 204 -5.25 8.28 -7.07
CA GLY B 204 -4.18 9.02 -7.70
C GLY B 204 -4.47 10.52 -7.75
N LEU B 205 -5.73 10.88 -7.99
CA LEU B 205 -6.06 12.29 -8.02
C LEU B 205 -5.86 12.89 -6.64
N THR B 206 -6.40 12.18 -5.64
CA THR B 206 -6.28 12.67 -4.28
C THR B 206 -4.84 13.04 -3.97
N GLN B 207 -3.94 12.07 -4.18
CA GLN B 207 -2.51 12.23 -3.93
C GLN B 207 -1.90 13.33 -4.80
N SER B 208 -2.16 13.27 -6.10
CA SER B 208 -1.57 14.27 -7.00
C SER B 208 -2.06 15.68 -6.69
N ALA B 209 -3.38 15.85 -6.51
CA ALA B 209 -3.90 17.19 -6.26
C ALA B 209 -3.49 17.65 -4.87
N ALA B 210 -3.34 16.71 -3.93
CA ALA B 210 -2.91 17.14 -2.60
C ALA B 210 -1.53 17.81 -2.70
N LEU B 211 -0.64 17.15 -3.44
CA LEU B 211 0.72 17.64 -3.61
C LEU B 211 0.71 19.02 -4.26
N GLU B 212 -0.07 19.15 -5.34
CA GLU B 212 -0.02 20.31 -6.22
C GLU B 212 -0.72 21.53 -5.59
N LEU B 213 -1.80 21.30 -4.82
CA LEU B 213 -2.60 22.39 -4.27
C LEU B 213 -2.16 22.79 -2.87
N ALA B 214 -1.27 21.98 -2.26
CA ALA B 214 -0.83 22.29 -0.92
C ALA B 214 -0.23 23.71 -0.85
N PRO B 215 0.57 24.20 -1.83
CA PRO B 215 1.07 25.58 -1.79
C PRO B 215 -0.02 26.65 -1.80
N TYR B 216 -1.23 26.30 -2.25
CA TYR B 216 -2.34 27.25 -2.26
C TYR B 216 -3.18 27.08 -1.00
N GLY B 217 -2.77 26.19 -0.10
CA GLY B 217 -3.48 25.95 1.15
C GLY B 217 -4.80 25.18 0.98
N ILE B 218 -4.96 24.48 -0.15
CA ILE B 218 -6.11 23.59 -0.37
C ILE B 218 -5.68 22.17 0.00
N ARG B 219 -6.34 21.60 1.02
CA ARG B 219 -6.13 20.20 1.42
C ARG B 219 -6.99 19.30 0.51
N VAL B 220 -6.49 18.07 0.28
CA VAL B 220 -7.23 17.16 -0.57
C VAL B 220 -7.14 15.79 0.09
N ASN B 221 -8.29 15.21 0.42
CA ASN B 221 -8.26 13.96 1.17
C ASN B 221 -9.37 13.07 0.65
N GLY B 222 -9.47 11.86 1.20
CA GLY B 222 -10.47 10.92 0.77
C GLY B 222 -11.15 10.24 1.96
N VAL B 223 -12.37 9.74 1.71
CA VAL B 223 -13.12 8.87 2.63
C VAL B 223 -13.42 7.62 1.84
N ALA B 224 -13.01 6.46 2.39
CA ALA B 224 -13.18 5.19 1.69
C ALA B 224 -14.12 4.28 2.49
N PRO B 225 -15.43 4.29 2.14
CA PRO B 225 -16.40 3.40 2.79
C PRO B 225 -16.14 1.95 2.37
N GLY B 226 -16.59 1.03 3.21
CA GLY B 226 -16.53 -0.38 2.90
C GLY B 226 -17.88 -0.81 2.33
N VAL B 227 -18.74 -1.34 3.21
CA VAL B 227 -20.13 -1.49 2.81
C VAL B 227 -20.96 -0.46 3.58
N SER B 228 -21.65 0.37 2.80
CA SER B 228 -22.56 1.36 3.35
C SER B 228 -23.97 1.03 2.88
N LEU B 229 -24.78 2.07 2.66
CA LEU B 229 -26.19 1.90 2.32
C LEU B 229 -26.31 0.82 1.26
N LEU B 230 -27.02 -0.26 1.60
CA LEU B 230 -27.22 -1.33 0.64
C LEU B 230 -28.42 -0.97 -0.24
N PRO B 231 -28.49 -1.44 -1.51
CA PRO B 231 -29.60 -1.10 -2.42
C PRO B 231 -30.96 -1.41 -1.78
N VAL B 232 -31.96 -0.58 -2.10
CA VAL B 232 -33.25 -0.66 -1.45
C VAL B 232 -33.86 -2.02 -1.76
N ALA B 233 -33.73 -2.42 -3.02
CA ALA B 233 -34.41 -3.57 -3.58
C ALA B 233 -33.61 -4.86 -3.39
N MET B 234 -32.39 -4.76 -2.82
CA MET B 234 -31.64 -5.95 -2.46
C MET B 234 -32.38 -6.71 -1.36
N GLY B 235 -32.53 -8.03 -1.53
CA GLY B 235 -33.22 -8.85 -0.55
C GLY B 235 -32.49 -8.81 0.79
N GLU B 236 -33.26 -8.79 1.90
CA GLU B 236 -32.69 -8.80 3.25
C GLU B 236 -31.72 -9.97 3.41
N GLU B 237 -32.03 -11.13 2.78
CA GLU B 237 -31.19 -12.32 2.95
C GLU B 237 -29.82 -12.10 2.30
N GLU B 238 -29.80 -11.44 1.15
CA GLU B 238 -28.56 -11.00 0.52
C GLU B 238 -27.88 -9.96 1.44
N LYS B 239 -28.63 -8.94 1.87
CA LYS B 239 -28.03 -7.86 2.66
C LYS B 239 -27.23 -8.42 3.84
N ASP B 240 -27.80 -9.43 4.50
CA ASP B 240 -27.23 -10.10 5.66
C ASP B 240 -25.93 -10.83 5.30
N LYS B 241 -25.83 -11.38 4.07
CA LYS B 241 -24.61 -12.02 3.60
C LYS B 241 -23.43 -11.03 3.60
N TRP B 242 -23.71 -9.76 3.28
CA TRP B 242 -22.65 -8.75 3.28
C TRP B 242 -22.42 -8.27 4.72
N ARG B 243 -23.52 -7.94 5.40
CA ARG B 243 -23.53 -7.52 6.79
C ARG B 243 -22.66 -8.46 7.66
N ARG B 244 -22.82 -9.77 7.49
CA ARG B 244 -22.15 -10.70 8.36
C ARG B 244 -20.64 -10.67 8.12
N LYS B 245 -20.19 -10.11 7.00
CA LYS B 245 -18.76 -10.08 6.70
C LYS B 245 -18.02 -9.04 7.54
N VAL B 246 -18.74 -8.07 8.11
CA VAL B 246 -18.13 -6.87 8.69
C VAL B 246 -17.77 -7.18 10.14
N PRO B 247 -16.46 -7.10 10.52
CA PRO B 247 -16.00 -7.38 11.88
C PRO B 247 -16.70 -6.50 12.90
N LEU B 248 -16.79 -5.20 12.61
CA LEU B 248 -17.24 -4.31 13.66
C LEU B 248 -18.77 -4.12 13.61
N GLY B 249 -19.47 -4.98 14.39
CA GLY B 249 -20.91 -4.87 14.59
C GLY B 249 -21.74 -5.62 13.55
N ARG B 250 -21.10 -6.20 12.53
CA ARG B 250 -21.79 -7.06 11.58
C ARG B 250 -22.95 -6.30 10.91
N ARG B 251 -22.72 -5.00 10.66
CA ARG B 251 -23.66 -4.15 9.93
C ARG B 251 -22.87 -3.24 8.97
N GLU B 252 -23.58 -2.71 7.97
CA GLU B 252 -23.05 -1.73 7.03
C GLU B 252 -23.01 -0.37 7.72
N ALA B 253 -22.17 0.54 7.22
CA ALA B 253 -22.09 1.90 7.72
C ALA B 253 -23.36 2.67 7.34
N SER B 254 -23.83 3.50 8.27
CA SER B 254 -24.89 4.43 7.88
C SER B 254 -24.26 5.51 7.00
N ALA B 255 -25.11 6.30 6.34
CA ALA B 255 -24.62 7.37 5.51
C ALA B 255 -24.02 8.41 6.43
N GLU B 256 -24.55 8.48 7.67
CA GLU B 256 -24.18 9.50 8.61
C GLU B 256 -22.74 9.25 9.09
N GLN B 257 -22.39 7.97 9.22
CA GLN B 257 -21.06 7.59 9.67
C GLN B 257 -20.03 8.02 8.63
N ILE B 258 -20.40 7.86 7.36
CA ILE B 258 -19.48 8.26 6.29
C ILE B 258 -19.35 9.78 6.36
N ALA B 259 -20.51 10.45 6.42
CA ALA B 259 -20.53 11.91 6.46
C ALA B 259 -19.68 12.42 7.62
N ASP B 260 -19.64 11.68 8.73
CA ASP B 260 -18.89 12.10 9.93
C ASP B 260 -17.40 12.27 9.59
N ALA B 261 -16.88 11.38 8.74
CA ALA B 261 -15.45 11.40 8.40
C ALA B 261 -15.17 12.59 7.48
N VAL B 262 -16.10 12.85 6.55
CA VAL B 262 -16.07 14.04 5.71
C VAL B 262 -16.01 15.32 6.54
N ILE B 263 -16.94 15.47 7.49
CA ILE B 263 -16.98 16.60 8.43
C ILE B 263 -15.63 16.81 9.12
N PHE B 264 -15.02 15.74 9.63
CA PHE B 264 -13.70 15.84 10.22
C PHE B 264 -12.69 16.46 9.24
N LEU B 265 -12.60 15.89 8.03
CA LEU B 265 -11.55 16.29 7.08
C LEU B 265 -11.70 17.74 6.63
N VAL B 266 -12.93 18.28 6.62
CA VAL B 266 -13.08 19.66 6.18
C VAL B 266 -12.83 20.60 7.36
N SER B 267 -12.78 20.03 8.57
CA SER B 267 -12.80 20.82 9.80
C SER B 267 -11.41 21.34 10.14
N GLY B 268 -11.37 22.26 11.11
CA GLY B 268 -10.15 22.87 11.64
C GLY B 268 -9.30 21.88 12.42
N SER B 269 -9.85 20.68 12.68
CA SER B 269 -9.17 19.60 13.36
C SER B 269 -8.29 18.80 12.39
N ALA B 270 -8.41 19.08 11.09
CA ALA B 270 -7.68 18.33 10.06
C ALA B 270 -6.80 19.27 9.28
N GLN B 271 -6.43 20.38 9.93
CA GLN B 271 -5.71 21.43 9.21
C GLN B 271 -4.33 21.02 8.66
N TYR B 272 -3.74 19.93 9.16
CA TYR B 272 -2.45 19.49 8.64
C TYR B 272 -2.59 18.24 7.77
N ILE B 273 -3.82 17.75 7.59
CA ILE B 273 -4.02 16.46 6.95
C ILE B 273 -4.30 16.76 5.48
N THR B 274 -3.42 16.27 4.61
CA THR B 274 -3.65 16.32 3.17
C THR B 274 -3.07 15.06 2.51
N GLY B 275 -3.74 14.58 1.44
CA GLY B 275 -3.36 13.35 0.77
C GLY B 275 -3.62 12.06 1.57
N SER B 276 -4.52 12.12 2.56
CA SER B 276 -4.88 10.99 3.42
C SER B 276 -6.23 10.44 3.00
N ILE B 277 -6.37 9.11 3.07
CA ILE B 277 -7.67 8.49 2.81
C ILE B 277 -8.07 7.71 4.06
N ILE B 278 -9.20 8.11 4.66
CA ILE B 278 -9.65 7.46 5.88
C ILE B 278 -10.66 6.37 5.51
N LYS B 279 -10.32 5.11 5.80
CA LYS B 279 -11.25 4.03 5.55
C LYS B 279 -12.31 4.12 6.62
N VAL B 280 -13.57 3.95 6.19
CA VAL B 280 -14.69 3.91 7.14
C VAL B 280 -15.45 2.63 6.81
N ASP B 281 -14.93 1.50 7.28
CA ASP B 281 -15.30 0.23 6.71
C ASP B 281 -15.52 -0.83 7.80
N GLY B 282 -15.41 -0.48 9.09
CA GLY B 282 -15.77 -1.45 10.13
C GLY B 282 -14.87 -2.69 10.11
N GLY B 283 -13.69 -2.56 9.49
CA GLY B 283 -12.69 -3.60 9.39
C GLY B 283 -12.85 -4.51 8.17
N LEU B 284 -13.86 -4.25 7.33
CA LEU B 284 -14.15 -5.18 6.23
C LEU B 284 -12.93 -5.46 5.34
N SER B 285 -12.11 -4.44 5.05
CA SER B 285 -10.96 -4.66 4.16
C SER B 285 -9.88 -5.56 4.79
N LEU B 286 -9.93 -5.81 6.11
CA LEU B 286 -8.92 -6.62 6.76
C LEU B 286 -9.26 -8.11 6.67
N VAL B 287 -10.45 -8.45 6.16
CA VAL B 287 -10.99 -9.80 6.22
C VAL B 287 -10.56 -10.55 4.96
N HIS B 288 -9.83 -11.67 5.17
CA HIS B 288 -9.38 -12.56 4.10
C HIS B 288 -10.57 -13.34 3.54
N ALA B 289 -10.36 -13.93 2.36
CA ALA B 289 -11.31 -14.78 1.68
C ALA B 289 -11.77 -15.93 2.58
N GLU C 23 36.06 -19.21 -8.87
CA GLU C 23 35.12 -20.38 -8.89
C GLU C 23 33.69 -19.88 -9.15
N ALA C 24 32.73 -20.40 -8.37
CA ALA C 24 31.30 -20.19 -8.56
C ALA C 24 30.68 -19.49 -7.35
N PRO C 25 29.47 -18.87 -7.48
CA PRO C 25 28.89 -18.09 -6.39
C PRO C 25 28.40 -19.02 -5.28
N ALA C 26 28.17 -18.46 -4.08
CA ALA C 26 27.69 -19.20 -2.91
C ALA C 26 26.47 -18.51 -2.32
N ALA C 27 25.54 -19.33 -1.75
CA ALA C 27 24.32 -18.89 -1.09
C ALA C 27 24.09 -19.58 0.27
N VAL C 28 23.58 -18.81 1.23
CA VAL C 28 23.05 -19.32 2.49
C VAL C 28 21.52 -19.31 2.39
N VAL C 29 20.89 -20.45 2.68
CA VAL C 29 19.44 -20.50 2.85
C VAL C 29 19.15 -20.93 4.29
N THR C 30 18.33 -20.17 5.00
CA THR C 30 17.96 -20.53 6.37
C THR C 30 16.71 -21.42 6.35
N GLY C 31 16.51 -22.22 7.43
CA GLY C 31 15.61 -23.37 7.53
C GLY C 31 15.49 -24.15 6.21
N ALA C 32 16.59 -24.73 5.73
CA ALA C 32 16.59 -25.22 4.36
C ALA C 32 16.41 -26.74 4.32
N ALA C 33 15.99 -27.31 5.46
CA ALA C 33 15.92 -28.74 5.70
C ALA C 33 14.74 -29.33 4.94
N LYS C 34 13.64 -28.58 4.97
CA LYS C 34 12.30 -29.04 4.66
C LYS C 34 11.62 -27.98 3.79
N ARG C 35 10.49 -28.40 3.18
CA ARG C 35 9.47 -27.48 2.71
C ARG C 35 10.08 -26.45 1.76
N ILE C 36 9.77 -25.16 1.99
CA ILE C 36 10.13 -24.10 1.06
C ILE C 36 11.65 -23.87 0.97
N GLY C 37 12.33 -23.84 2.12
CA GLY C 37 13.79 -23.68 2.20
C GLY C 37 14.60 -24.71 1.40
N ARG C 38 14.15 -25.97 1.41
CA ARG C 38 14.78 -27.06 0.70
C ARG C 38 14.63 -26.84 -0.80
N ALA C 39 13.43 -26.41 -1.22
CA ALA C 39 13.20 -26.16 -2.63
C ALA C 39 14.15 -25.07 -3.13
N ILE C 40 14.33 -24.05 -2.29
CA ILE C 40 15.16 -22.89 -2.62
C ILE C 40 16.62 -23.34 -2.76
N ALA C 41 17.07 -24.09 -1.77
CA ALA C 41 18.40 -24.69 -1.75
C ALA C 41 18.75 -25.46 -3.03
N VAL C 42 17.84 -26.34 -3.47
CA VAL C 42 18.06 -27.27 -4.57
C VAL C 42 18.19 -26.47 -5.86
N LYS C 43 17.32 -25.46 -5.97
CA LYS C 43 17.13 -24.70 -7.19
C LYS C 43 18.33 -23.76 -7.34
N LEU C 44 18.85 -23.30 -6.19
CA LEU C 44 20.03 -22.44 -6.23
C LEU C 44 21.21 -23.27 -6.74
N HIS C 45 21.33 -24.47 -6.19
CA HIS C 45 22.33 -25.46 -6.60
C HIS C 45 22.27 -25.70 -8.11
N GLN C 46 21.10 -26.12 -8.59
CA GLN C 46 20.91 -26.38 -10.02
C GLN C 46 21.32 -25.17 -10.86
N THR C 47 21.32 -23.96 -10.28
CA THR C 47 21.63 -22.74 -11.03
C THR C 47 23.13 -22.50 -10.97
N GLY C 48 23.77 -23.20 -10.04
CA GLY C 48 25.23 -23.26 -10.02
C GLY C 48 25.80 -22.73 -8.72
N TYR C 49 24.93 -22.50 -7.73
CA TYR C 49 25.38 -22.00 -6.44
C TYR C 49 25.91 -23.17 -5.63
N ARG C 50 27.00 -22.91 -4.93
CA ARG C 50 27.40 -23.67 -3.75
C ARG C 50 26.52 -23.18 -2.60
N VAL C 51 26.04 -24.07 -1.72
CA VAL C 51 25.05 -23.60 -0.77
C VAL C 51 25.32 -24.11 0.65
N VAL C 52 24.86 -23.32 1.63
CA VAL C 52 24.80 -23.67 3.05
C VAL C 52 23.33 -23.96 3.33
N ILE C 53 23.08 -25.16 3.81
CA ILE C 53 21.80 -25.60 4.27
C ILE C 53 21.75 -25.40 5.78
N HIS C 54 21.18 -24.27 6.24
CA HIS C 54 20.95 -24.06 7.66
C HIS C 54 19.76 -24.88 8.12
N TYR C 55 19.87 -25.37 9.36
CA TYR C 55 18.81 -26.13 10.00
C TYR C 55 18.84 -25.78 11.48
N HIS C 56 17.72 -26.05 12.15
CA HIS C 56 17.61 -26.04 13.59
C HIS C 56 17.45 -27.49 14.06
N ASN C 57 16.35 -28.15 13.66
CA ASN C 57 15.96 -29.47 14.15
C ASN C 57 16.24 -30.59 13.14
N SER C 58 16.24 -30.24 11.85
CA SER C 58 16.32 -31.23 10.80
C SER C 58 17.77 -31.52 10.37
N ALA C 59 18.52 -32.10 11.33
CA ALA C 59 19.85 -32.62 11.06
C ALA C 59 19.80 -33.64 9.93
N GLU C 60 18.97 -34.67 10.12
CA GLU C 60 18.81 -35.76 9.16
C GLU C 60 18.64 -35.18 7.75
N ALA C 61 17.51 -34.46 7.57
CA ALA C 61 17.08 -33.84 6.33
C ALA C 61 18.18 -32.96 5.74
N ALA C 62 18.83 -32.14 6.59
CA ALA C 62 19.90 -31.29 6.11
C ALA C 62 20.97 -32.15 5.45
N VAL C 63 21.42 -33.15 6.23
CA VAL C 63 22.48 -34.04 5.81
C VAL C 63 22.12 -34.70 4.47
N SER C 64 20.87 -35.19 4.38
CA SER C 64 20.37 -35.93 3.23
C SER C 64 20.39 -35.06 1.99
N LEU C 65 20.04 -33.78 2.16
CA LEU C 65 19.99 -32.83 1.05
C LEU C 65 21.42 -32.52 0.61
N ALA C 66 22.29 -32.23 1.59
CA ALA C 66 23.72 -32.05 1.34
C ALA C 66 24.26 -33.23 0.53
N ASP C 67 23.91 -34.44 0.99
CA ASP C 67 24.27 -35.71 0.37
C ASP C 67 23.92 -35.65 -1.12
N GLU C 68 22.64 -35.30 -1.40
CA GLU C 68 22.06 -35.32 -2.73
C GLU C 68 22.74 -34.29 -3.63
N LEU C 69 23.08 -33.13 -3.06
CA LEU C 69 23.69 -32.04 -3.81
C LEU C 69 25.17 -32.29 -4.03
N ASN C 70 25.84 -32.80 -2.98
CA ASN C 70 27.25 -33.17 -3.09
C ASN C 70 27.44 -34.26 -4.16
N LYS C 71 26.58 -35.28 -4.14
CA LYS C 71 26.65 -36.37 -5.10
C LYS C 71 26.49 -35.84 -6.52
N GLU C 72 25.81 -34.70 -6.67
CA GLU C 72 25.56 -34.12 -7.98
C GLU C 72 26.79 -33.35 -8.46
N ARG C 73 27.30 -32.45 -7.60
CA ARG C 73 28.51 -31.69 -7.83
C ARG C 73 29.37 -31.77 -6.57
N SER C 74 30.63 -32.20 -6.75
CA SER C 74 31.47 -32.57 -5.62
C SER C 74 31.80 -31.36 -4.75
N ASN C 75 31.50 -31.47 -3.44
CA ASN C 75 31.91 -30.52 -2.42
C ASN C 75 31.32 -29.12 -2.68
N THR C 76 29.99 -29.08 -2.86
CA THR C 76 29.31 -27.82 -3.18
C THR C 76 28.16 -27.56 -2.20
N ALA C 77 27.94 -28.48 -1.24
CA ALA C 77 26.87 -28.32 -0.26
C ALA C 77 27.34 -28.71 1.14
N VAL C 78 27.07 -27.81 2.09
CA VAL C 78 27.47 -27.98 3.47
C VAL C 78 26.27 -27.64 4.33
N VAL C 79 26.25 -28.17 5.55
CA VAL C 79 25.16 -27.89 6.48
C VAL C 79 25.67 -26.98 7.58
N CYS C 80 24.72 -26.43 8.36
CA CYS C 80 24.99 -25.50 9.43
C CYS C 80 23.84 -25.52 10.45
N GLN C 81 24.18 -25.76 11.69
CA GLN C 81 23.23 -25.65 12.79
C GLN C 81 23.30 -24.26 13.41
N ALA C 82 22.13 -23.86 13.94
CA ALA C 82 21.91 -22.61 14.66
C ALA C 82 20.43 -22.66 15.06
N ASP C 83 20.16 -22.17 16.29
CA ASP C 83 18.80 -21.88 16.69
C ASP C 83 18.57 -20.39 16.49
N LEU C 84 17.48 -20.01 15.80
CA LEU C 84 17.22 -18.62 15.44
C LEU C 84 16.17 -17.94 16.33
N THR C 85 15.84 -18.52 17.50
CA THR C 85 15.05 -17.88 18.55
C THR C 85 15.74 -16.60 19.05
N ASN C 86 15.01 -15.72 19.79
CA ASN C 86 15.54 -14.44 20.30
C ASN C 86 16.01 -14.61 21.74
N SER C 87 17.33 -14.72 21.92
CA SER C 87 17.97 -15.01 23.20
C SER C 87 18.84 -13.84 23.66
N ASN C 88 20.13 -14.12 23.88
CA ASN C 88 21.19 -13.12 23.90
C ASN C 88 22.26 -13.52 22.87
N VAL C 89 22.12 -14.73 22.31
CA VAL C 89 23.12 -15.40 21.47
C VAL C 89 22.77 -15.38 19.98
N LEU C 90 21.59 -14.80 19.63
CA LEU C 90 21.18 -14.77 18.23
C LEU C 90 22.31 -14.14 17.43
N PRO C 91 22.84 -12.96 17.86
CA PRO C 91 23.90 -12.29 17.12
C PRO C 91 24.98 -13.25 16.65
N ALA C 92 25.57 -14.00 17.61
CA ALA C 92 26.64 -14.94 17.34
C ALA C 92 26.20 -16.02 16.35
N SER C 93 24.97 -16.52 16.55
CA SER C 93 24.41 -17.53 15.66
C SER C 93 24.36 -17.07 14.21
N CYS C 94 23.88 -15.82 14.01
CA CYS C 94 23.76 -15.23 12.70
C CYS C 94 25.14 -14.98 12.12
N GLU C 95 26.07 -14.55 12.98
CA GLU C 95 27.47 -14.44 12.59
C GLU C 95 28.03 -15.82 12.22
N GLU C 96 27.68 -16.84 13.00
CA GLU C 96 28.14 -18.18 12.70
C GLU C 96 27.69 -18.61 11.30
N ILE C 97 26.43 -18.31 10.95
CA ILE C 97 25.83 -18.83 9.75
C ILE C 97 26.53 -18.18 8.57
N ILE C 98 26.76 -16.87 8.67
CA ILE C 98 27.41 -16.15 7.58
C ILE C 98 28.86 -16.63 7.44
N ASN C 99 29.44 -16.98 8.59
CA ASN C 99 30.83 -17.41 8.74
C ASN C 99 31.07 -18.60 7.81
N SER C 100 30.27 -19.64 8.05
CA SER C 100 30.55 -20.94 7.49
C SER C 100 30.41 -20.86 5.97
N CYS C 101 29.61 -19.90 5.50
CA CYS C 101 29.54 -19.71 4.06
C CYS C 101 30.90 -19.23 3.50
N PHE C 102 31.57 -18.29 4.19
CA PHE C 102 32.92 -17.84 3.83
C PHE C 102 33.94 -18.98 4.06
N ARG C 103 33.77 -19.72 5.15
CA ARG C 103 34.68 -20.80 5.52
C ARG C 103 34.65 -21.91 4.47
N ALA C 104 33.44 -22.30 4.04
CA ALA C 104 33.30 -23.39 3.09
C ALA C 104 33.66 -22.94 1.68
N PHE C 105 33.43 -21.66 1.34
CA PHE C 105 33.44 -21.34 -0.07
C PHE C 105 34.21 -20.06 -0.34
N GLY C 106 34.58 -19.38 0.74
CA GLY C 106 35.46 -18.22 0.65
C GLY C 106 34.72 -16.97 0.17
N ARG C 107 33.40 -17.10 -0.01
CA ARG C 107 32.59 -15.97 -0.38
C ARG C 107 31.15 -16.31 -0.04
N CYS C 108 30.28 -15.29 -0.18
CA CYS C 108 28.85 -15.36 0.11
C CYS C 108 28.10 -14.33 -0.75
N ASP C 109 27.30 -14.83 -1.70
CA ASP C 109 26.77 -13.97 -2.75
C ASP C 109 25.31 -13.63 -2.40
N VAL C 110 24.68 -14.56 -1.68
CA VAL C 110 23.24 -14.58 -1.57
C VAL C 110 22.92 -15.06 -0.16
N LEU C 111 21.97 -14.37 0.46
CA LEU C 111 21.34 -14.76 1.71
C LEU C 111 19.82 -14.84 1.52
N VAL C 112 19.25 -16.05 1.68
CA VAL C 112 17.81 -16.26 1.70
C VAL C 112 17.37 -16.41 3.15
N ASN C 113 16.53 -15.48 3.64
CA ASN C 113 15.90 -15.54 4.96
C ASN C 113 14.54 -16.27 4.86
N ASN C 114 14.56 -17.60 5.08
CA ASN C 114 13.39 -18.45 4.89
C ASN C 114 12.83 -18.94 6.23
N ALA C 115 13.70 -19.17 7.23
CA ALA C 115 13.28 -19.82 8.46
C ALA C 115 12.19 -18.99 9.13
N SER C 116 11.27 -19.65 9.85
CA SER C 116 10.09 -18.96 10.32
C SER C 116 9.23 -19.83 11.23
N ALA C 117 8.80 -19.26 12.35
CA ALA C 117 7.81 -19.84 13.23
C ALA C 117 6.42 -19.33 12.84
N PHE C 118 5.36 -20.06 13.23
CA PHE C 118 3.99 -19.72 12.87
C PHE C 118 2.98 -20.54 13.68
N TYR C 119 2.21 -19.84 14.50
CA TYR C 119 1.17 -20.37 15.37
C TYR C 119 0.36 -19.20 15.94
N PRO C 120 -0.92 -19.40 16.33
CA PRO C 120 -1.75 -18.31 16.85
C PRO C 120 -1.30 -17.78 18.21
N THR C 121 -1.51 -16.48 18.45
CA THR C 121 -1.31 -15.86 19.75
C THR C 121 -2.49 -14.95 20.06
N PRO C 122 -3.61 -15.49 20.61
CA PRO C 122 -4.83 -14.71 20.85
C PRO C 122 -4.60 -13.53 21.80
N LEU C 123 -5.30 -12.42 21.54
CA LEU C 123 -5.16 -11.24 22.40
C LEU C 123 -5.97 -11.43 23.68
N VAL C 124 -7.08 -12.16 23.58
CA VAL C 124 -7.93 -12.54 24.69
C VAL C 124 -7.80 -14.06 24.86
N GLN C 125 -7.17 -14.47 25.96
CA GLN C 125 -6.78 -15.85 26.21
C GLN C 125 -7.38 -16.31 27.55
N LYS C 135 3.96 -22.43 26.22
CA LYS C 135 4.71 -21.21 25.76
C LYS C 135 4.14 -19.99 26.45
N THR C 136 5.00 -19.27 27.19
CA THR C 136 4.61 -17.94 27.63
C THR C 136 4.91 -16.93 26.53
N VAL C 137 4.45 -15.70 26.75
CA VAL C 137 4.44 -14.68 25.73
C VAL C 137 5.85 -14.45 25.14
N GLU C 138 6.89 -14.47 25.99
CA GLU C 138 8.17 -13.95 25.54
C GLU C 138 8.89 -15.04 24.76
N THR C 139 8.52 -16.29 25.04
CA THR C 139 8.82 -17.44 24.19
C THR C 139 8.25 -17.15 22.80
N GLN C 140 6.97 -16.79 22.79
CA GLN C 140 6.21 -16.46 21.58
C GLN C 140 6.84 -15.30 20.81
N VAL C 141 7.21 -14.25 21.55
CA VAL C 141 7.92 -13.10 21.03
C VAL C 141 9.27 -13.53 20.46
N ALA C 142 10.06 -14.31 21.23
CA ALA C 142 11.38 -14.69 20.77
C ALA C 142 11.28 -15.55 19.52
N GLU C 143 10.27 -16.43 19.52
CA GLU C 143 10.14 -17.27 18.34
C GLU C 143 9.59 -16.43 17.20
N LEU C 144 8.42 -15.83 17.43
CA LEU C 144 7.62 -15.24 16.37
C LEU C 144 8.21 -13.91 15.92
N ILE C 145 8.63 -13.09 16.87
CA ILE C 145 9.32 -11.85 16.51
C ILE C 145 10.79 -12.17 16.27
N GLY C 146 11.36 -13.03 17.13
CA GLY C 146 12.76 -13.41 17.00
C GLY C 146 13.10 -14.06 15.66
N THR C 147 12.46 -15.20 15.32
CA THR C 147 12.87 -15.89 14.10
C THR C 147 12.46 -15.11 12.86
N ASN C 148 11.24 -14.56 12.88
CA ASN C 148 10.59 -13.92 11.74
C ASN C 148 11.23 -12.57 11.39
N ALA C 149 11.85 -11.89 12.36
CA ALA C 149 12.26 -10.52 12.09
C ALA C 149 13.70 -10.20 12.54
N ILE C 150 13.98 -10.48 13.80
CA ILE C 150 15.24 -10.07 14.40
C ILE C 150 16.40 -10.85 13.79
N ALA C 151 16.23 -12.16 13.59
CA ALA C 151 17.31 -12.96 13.02
C ALA C 151 17.61 -12.52 11.59
N PRO C 152 16.60 -12.26 10.71
CA PRO C 152 16.91 -11.65 9.42
C PRO C 152 17.71 -10.35 9.51
N PHE C 153 17.41 -9.55 10.55
CA PHE C 153 18.06 -8.26 10.72
C PHE C 153 19.55 -8.50 11.02
N LEU C 154 19.82 -9.47 11.89
CA LEU C 154 21.19 -9.83 12.30
C LEU C 154 21.99 -10.48 11.19
N LEU C 155 21.43 -11.51 10.53
CA LEU C 155 22.05 -12.09 9.34
C LEU C 155 22.35 -11.00 8.32
N THR C 156 21.41 -10.05 8.12
CA THR C 156 21.62 -9.01 7.12
C THR C 156 22.87 -8.21 7.46
N MET C 157 23.00 -7.91 8.74
CA MET C 157 24.07 -7.10 9.30
C MET C 157 25.41 -7.84 9.15
N SER C 158 25.42 -9.16 9.35
CA SER C 158 26.65 -9.93 9.22
C SER C 158 27.01 -10.07 7.74
N PHE C 159 26.00 -10.38 6.90
CA PHE C 159 26.23 -10.56 5.47
C PHE C 159 26.93 -9.32 4.95
N ALA C 160 26.46 -8.14 5.41
CA ALA C 160 26.92 -6.88 4.87
C ALA C 160 28.34 -6.58 5.37
N GLN C 161 28.49 -6.70 6.69
CA GLN C 161 29.71 -6.51 7.46
C GLN C 161 30.91 -7.19 6.80
N ARG C 162 30.67 -8.37 6.19
CA ARG C 162 31.74 -9.21 5.69
C ARG C 162 31.87 -9.01 4.18
N GLN C 163 31.16 -8.03 3.64
CA GLN C 163 31.41 -7.62 2.27
C GLN C 163 32.22 -6.31 2.29
N SER C 172 31.54 -6.18 -10.79
CA SER C 172 32.17 -7.23 -9.96
C SER C 172 31.19 -8.36 -9.67
N SER C 173 30.64 -8.39 -8.45
CA SER C 173 29.78 -9.47 -7.97
C SER C 173 28.31 -9.11 -8.09
N ASN C 174 27.44 -10.10 -7.88
CA ASN C 174 26.01 -9.86 -7.76
C ASN C 174 25.55 -10.35 -6.38
N LEU C 175 25.58 -9.43 -5.41
CA LEU C 175 25.18 -9.73 -4.04
C LEU C 175 23.71 -9.32 -3.85
N SER C 176 22.96 -10.17 -3.12
CA SER C 176 21.58 -9.86 -2.81
C SER C 176 21.08 -10.69 -1.62
N ILE C 177 19.99 -10.22 -0.99
CA ILE C 177 19.34 -10.87 0.14
C ILE C 177 17.86 -11.04 -0.20
N VAL C 178 17.27 -12.19 0.17
CA VAL C 178 15.87 -12.41 -0.17
C VAL C 178 15.15 -12.82 1.11
N ASN C 179 14.10 -12.06 1.47
CA ASN C 179 13.33 -12.32 2.68
C ASN C 179 12.00 -13.02 2.35
N LEU C 180 11.66 -14.11 3.04
CA LEU C 180 10.36 -14.76 2.87
C LEU C 180 9.28 -14.01 3.64
N CYS C 181 8.45 -13.28 2.87
CA CYS C 181 7.42 -12.45 3.47
C CYS C 181 6.07 -13.20 3.51
N ASP C 182 4.94 -12.46 3.49
CA ASP C 182 3.64 -13.11 3.54
C ASP C 182 2.64 -12.24 2.78
N ALA C 183 2.01 -12.79 1.74
CA ALA C 183 1.16 -11.99 0.87
C ALA C 183 -0.10 -11.58 1.60
N MET C 184 -0.43 -12.24 2.71
CA MET C 184 -1.71 -11.99 3.36
C MET C 184 -1.55 -11.11 4.60
N VAL C 185 -0.44 -10.37 4.67
CA VAL C 185 -0.07 -9.48 5.77
C VAL C 185 -1.15 -8.43 6.08
N ASP C 186 -1.88 -7.96 5.06
CA ASP C 186 -2.89 -6.93 5.24
C ASP C 186 -4.30 -7.49 5.44
N GLN C 187 -4.46 -8.81 5.30
CA GLN C 187 -5.73 -9.48 5.57
C GLN C 187 -5.44 -10.67 6.46
N PRO C 188 -4.99 -10.40 7.70
CA PRO C 188 -4.35 -11.41 8.56
C PRO C 188 -5.31 -12.50 9.07
N CSX C 189 -4.76 -13.70 9.38
CA CSX C 189 -5.54 -14.71 10.09
CB CSX C 189 -4.81 -16.04 10.26
SG CSX C 189 -4.38 -16.75 8.66
C CSX C 189 -5.91 -14.19 11.47
O CSX C 189 -5.11 -13.52 12.14
OD CSX C 189 -5.64 -17.44 8.13
N MET C 190 -7.16 -14.47 11.87
CA MET C 190 -7.67 -14.15 13.19
C MET C 190 -6.73 -14.74 14.24
N ALA C 191 -6.32 -13.92 15.24
CA ALA C 191 -5.54 -14.37 16.40
C ALA C 191 -4.07 -14.65 16.07
N PHE C 192 -3.52 -14.01 15.02
CA PHE C 192 -2.14 -14.23 14.64
C PHE C 192 -1.36 -12.90 14.73
N SER C 193 -1.66 -12.09 15.75
CA SER C 193 -1.09 -10.75 15.82
CA SER C 193 -1.08 -10.75 15.86
C SER C 193 0.44 -10.80 15.84
N LEU C 194 1.04 -11.65 16.70
CA LEU C 194 2.49 -11.62 16.78
C LEU C 194 3.12 -12.05 15.48
N TYR C 195 2.56 -13.10 14.89
CA TYR C 195 3.10 -13.56 13.63
C TYR C 195 3.05 -12.42 12.64
N ASN C 196 1.90 -11.73 12.58
CA ASN C 196 1.66 -10.67 11.61
CA ASN C 196 1.66 -10.68 11.61
C ASN C 196 2.61 -9.51 11.84
N MET C 197 2.78 -9.12 13.11
CA MET C 197 3.72 -8.06 13.47
C MET C 197 5.12 -8.37 12.94
N GLY C 198 5.57 -9.63 13.11
CA GLY C 198 6.89 -10.06 12.71
C GLY C 198 7.04 -10.00 11.18
N LYS C 199 5.99 -10.36 10.44
CA LYS C 199 6.07 -10.31 8.97
C LYS C 199 6.01 -8.87 8.45
N HIS C 200 5.23 -8.02 9.12
CA HIS C 200 5.23 -6.59 8.81
C HIS C 200 6.63 -6.02 9.05
N ALA C 201 7.23 -6.41 10.20
CA ALA C 201 8.60 -6.01 10.53
C ALA C 201 9.60 -6.40 9.45
N LEU C 202 9.41 -7.59 8.84
CA LEU C 202 10.26 -8.10 7.78
C LEU C 202 10.14 -7.28 6.50
N VAL C 203 8.93 -6.76 6.20
CA VAL C 203 8.78 -5.80 5.10
C VAL C 203 9.60 -4.54 5.38
N GLY C 204 9.49 -4.01 6.61
CA GLY C 204 10.27 -2.86 7.04
C GLY C 204 11.78 -3.07 6.87
N LEU C 205 12.25 -4.29 7.22
CA LEU C 205 13.67 -4.58 7.11
C LEU C 205 14.04 -4.66 5.64
N THR C 206 13.14 -5.29 4.86
CA THR C 206 13.43 -5.38 3.44
C THR C 206 13.67 -3.99 2.84
N GLN C 207 12.78 -3.05 3.17
CA GLN C 207 12.82 -1.70 2.65
C GLN C 207 14.06 -0.97 3.18
N SER C 208 14.25 -0.94 4.50
CA SER C 208 15.33 -0.15 5.07
C SER C 208 16.69 -0.71 4.66
N ALA C 209 16.80 -2.04 4.59
CA ALA C 209 18.11 -2.63 4.26
C ALA C 209 18.41 -2.44 2.79
N ALA C 210 17.37 -2.46 1.95
CA ALA C 210 17.56 -2.19 0.53
C ALA C 210 18.12 -0.77 0.38
N LEU C 211 17.57 0.17 1.14
CA LEU C 211 18.04 1.54 1.00
C LEU C 211 19.50 1.62 1.44
N GLU C 212 19.78 1.00 2.58
CA GLU C 212 21.04 1.20 3.29
C GLU C 212 22.20 0.47 2.64
N LEU C 213 21.91 -0.66 1.96
CA LEU C 213 22.96 -1.52 1.44
C LEU C 213 23.09 -1.36 -0.08
N ALA C 214 22.19 -0.60 -0.69
CA ALA C 214 22.27 -0.26 -2.10
C ALA C 214 23.65 0.33 -2.44
N PRO C 215 24.20 1.24 -1.60
CA PRO C 215 25.56 1.77 -1.82
C PRO C 215 26.65 0.72 -1.94
N TYR C 216 26.47 -0.44 -1.28
CA TYR C 216 27.44 -1.53 -1.30
C TYR C 216 27.09 -2.59 -2.34
N GLY C 217 26.15 -2.29 -3.25
CA GLY C 217 25.78 -3.18 -4.35
C GLY C 217 25.05 -4.45 -3.89
N ILE C 218 24.55 -4.41 -2.66
CA ILE C 218 23.82 -5.52 -2.07
C ILE C 218 22.33 -5.23 -2.27
N ARG C 219 21.64 -6.08 -3.05
CA ARG C 219 20.20 -5.92 -3.24
C ARG C 219 19.47 -6.67 -2.13
N VAL C 220 18.25 -6.19 -1.80
CA VAL C 220 17.46 -6.77 -0.73
C VAL C 220 16.01 -6.79 -1.23
N ASN C 221 15.43 -7.99 -1.27
CA ASN C 221 14.12 -8.18 -1.87
C ASN C 221 13.28 -9.15 -1.04
N GLY C 222 11.98 -9.26 -1.38
CA GLY C 222 11.13 -10.19 -0.69
C GLY C 222 10.33 -11.07 -1.66
N VAL C 223 9.91 -12.24 -1.15
CA VAL C 223 9.02 -13.18 -1.81
C VAL C 223 7.90 -13.46 -0.82
N ALA C 224 6.67 -13.23 -1.27
CA ALA C 224 5.53 -13.30 -0.37
C ALA C 224 4.57 -14.38 -0.82
N PRO C 225 4.64 -15.62 -0.27
CA PRO C 225 3.67 -16.68 -0.57
C PRO C 225 2.30 -16.42 0.03
N GLY C 226 1.27 -17.02 -0.56
CA GLY C 226 -0.07 -16.92 0.00
C GLY C 226 -0.37 -18.17 0.83
N VAL C 227 -1.04 -19.14 0.20
CA VAL C 227 -1.09 -20.48 0.74
C VAL C 227 -0.14 -21.35 -0.09
N SER C 228 0.87 -21.89 0.59
CA SER C 228 1.75 -22.89 0.02
C SER C 228 1.56 -24.19 0.79
N LEU C 229 2.62 -25.00 0.87
CA LEU C 229 2.59 -26.24 1.66
C LEU C 229 1.82 -25.92 2.94
N LEU C 230 0.69 -26.60 3.10
CA LEU C 230 -0.22 -26.34 4.20
C LEU C 230 0.34 -27.06 5.44
N PRO C 231 0.14 -26.50 6.66
CA PRO C 231 0.57 -27.16 7.90
C PRO C 231 0.23 -28.66 7.94
N VAL C 232 1.26 -29.46 8.23
CA VAL C 232 1.23 -30.92 8.13
C VAL C 232 0.15 -31.48 9.07
N ALA C 233 -0.13 -30.74 10.15
CA ALA C 233 -1.12 -31.13 11.14
C ALA C 233 -2.55 -30.82 10.68
N MET C 234 -2.73 -29.67 10.00
CA MET C 234 -4.02 -29.19 9.55
C MET C 234 -4.75 -30.29 8.77
N GLY C 235 -6.07 -30.38 8.97
CA GLY C 235 -6.89 -31.41 8.35
C GLY C 235 -6.75 -31.41 6.83
N GLU C 236 -7.09 -32.55 6.21
CA GLU C 236 -6.92 -32.75 4.78
C GLU C 236 -8.13 -32.24 4.01
N GLU C 237 -9.33 -32.56 4.50
CA GLU C 237 -10.55 -32.02 3.93
C GLU C 237 -10.63 -30.52 4.26
N GLU C 238 -9.97 -30.13 5.35
CA GLU C 238 -9.91 -28.73 5.78
C GLU C 238 -9.01 -27.97 4.81
N LYS C 239 -7.96 -28.64 4.32
CA LYS C 239 -6.99 -28.05 3.41
C LYS C 239 -7.63 -27.60 2.11
N ASP C 240 -8.61 -28.37 1.62
CA ASP C 240 -9.29 -28.09 0.36
C ASP C 240 -10.07 -26.79 0.46
N LYS C 241 -10.61 -26.52 1.65
CA LYS C 241 -11.33 -25.29 1.96
C LYS C 241 -10.50 -24.09 1.49
N TRP C 242 -9.20 -24.11 1.82
CA TRP C 242 -8.27 -23.02 1.51
C TRP C 242 -7.95 -23.03 0.02
N ARG C 243 -7.72 -24.22 -0.53
CA ARG C 243 -7.34 -24.39 -1.93
C ARG C 243 -8.39 -23.77 -2.84
N ARG C 244 -9.65 -23.86 -2.43
CA ARG C 244 -10.81 -23.45 -3.21
C ARG C 244 -10.93 -21.91 -3.25
N LYS C 245 -10.23 -21.22 -2.35
CA LYS C 245 -10.33 -19.77 -2.31
C LYS C 245 -9.37 -19.14 -3.31
N VAL C 246 -8.47 -19.94 -3.87
CA VAL C 246 -7.35 -19.40 -4.64
C VAL C 246 -7.81 -19.21 -6.08
N PRO C 247 -7.81 -17.97 -6.63
CA PRO C 247 -8.25 -17.75 -8.01
C PRO C 247 -7.55 -18.58 -9.06
N LEU C 248 -6.22 -18.66 -8.96
CA LEU C 248 -5.47 -19.27 -10.04
C LEU C 248 -5.35 -20.77 -9.79
N GLY C 249 -6.41 -21.53 -10.11
CA GLY C 249 -6.27 -22.98 -10.21
C GLY C 249 -6.59 -23.70 -8.91
N ARG C 250 -7.22 -22.99 -7.96
CA ARG C 250 -7.88 -23.59 -6.81
C ARG C 250 -6.92 -24.55 -6.09
N ARG C 251 -5.65 -24.14 -6.01
CA ARG C 251 -4.61 -24.94 -5.40
C ARG C 251 -3.57 -24.03 -4.76
N GLU C 252 -2.78 -24.62 -3.85
CA GLU C 252 -1.73 -23.91 -3.15
C GLU C 252 -0.47 -23.92 -4.03
N ALA C 253 0.43 -22.96 -3.74
CA ALA C 253 1.72 -22.92 -4.42
C ALA C 253 2.54 -24.11 -3.97
N SER C 254 3.20 -24.75 -4.92
CA SER C 254 4.24 -25.71 -4.59
C SER C 254 5.48 -24.98 -4.08
N ALA C 255 6.33 -25.70 -3.35
CA ALA C 255 7.52 -25.11 -2.76
C ALA C 255 8.38 -24.55 -3.88
N GLU C 256 8.41 -25.26 -5.02
CA GLU C 256 9.27 -24.93 -6.14
C GLU C 256 8.82 -23.65 -6.84
N GLN C 257 7.51 -23.36 -6.80
CA GLN C 257 7.00 -22.10 -7.32
C GLN C 257 7.60 -20.92 -6.54
N ILE C 258 7.60 -21.08 -5.21
CA ILE C 258 8.16 -20.03 -4.35
C ILE C 258 9.64 -19.87 -4.68
N ALA C 259 10.31 -21.03 -4.76
CA ALA C 259 11.74 -21.08 -5.05
C ALA C 259 12.07 -20.39 -6.35
N ASP C 260 11.20 -20.51 -7.36
CA ASP C 260 11.35 -19.90 -8.68
C ASP C 260 11.55 -18.37 -8.57
N ALA C 261 10.82 -17.75 -7.63
CA ALA C 261 10.81 -16.29 -7.52
C ALA C 261 12.10 -15.82 -6.86
N VAL C 262 12.53 -16.56 -5.84
CA VAL C 262 13.82 -16.40 -5.20
C VAL C 262 14.93 -16.44 -6.26
N ILE C 263 14.91 -17.48 -7.11
CA ILE C 263 15.89 -17.66 -8.18
C ILE C 263 15.99 -16.42 -9.05
N PHE C 264 14.82 -15.92 -9.50
CA PHE C 264 14.77 -14.72 -10.32
C PHE C 264 15.45 -13.56 -9.58
N LEU C 265 15.12 -13.39 -8.30
CA LEU C 265 15.58 -12.19 -7.62
C LEU C 265 17.11 -12.15 -7.47
N VAL C 266 17.75 -13.32 -7.29
CA VAL C 266 19.19 -13.41 -7.09
C VAL C 266 19.92 -13.30 -8.44
N SER C 267 19.22 -13.63 -9.52
CA SER C 267 19.77 -13.71 -10.86
C SER C 267 20.22 -12.34 -11.37
N GLY C 268 20.98 -12.36 -12.46
CA GLY C 268 21.41 -11.17 -13.19
C GLY C 268 20.25 -10.46 -13.89
N SER C 269 19.09 -11.15 -13.96
CA SER C 269 17.85 -10.65 -14.53
C SER C 269 17.14 -9.66 -13.60
N ALA C 270 17.66 -9.48 -12.38
CA ALA C 270 17.03 -8.68 -11.34
C ALA C 270 18.07 -7.71 -10.78
N GLN C 271 18.99 -7.29 -11.63
CA GLN C 271 20.18 -6.56 -11.21
C GLN C 271 19.80 -5.15 -10.76
N TYR C 272 18.69 -4.63 -11.28
CA TYR C 272 18.21 -3.33 -10.85
C TYR C 272 17.10 -3.41 -9.81
N ILE C 273 16.73 -4.62 -9.36
CA ILE C 273 15.62 -4.81 -8.45
C ILE C 273 16.12 -4.85 -7.01
N THR C 274 15.72 -3.82 -6.22
CA THR C 274 15.91 -3.86 -4.77
C THR C 274 14.73 -3.17 -4.07
N GLY C 275 14.40 -3.68 -2.87
CA GLY C 275 13.28 -3.20 -2.08
C GLY C 275 11.93 -3.64 -2.63
N SER C 276 11.92 -4.65 -3.50
CA SER C 276 10.71 -5.12 -4.14
C SER C 276 10.25 -6.38 -3.44
N ILE C 277 8.94 -6.51 -3.24
CA ILE C 277 8.39 -7.76 -2.72
C ILE C 277 7.50 -8.38 -3.80
N ILE C 278 7.81 -9.61 -4.19
CA ILE C 278 7.05 -10.25 -5.24
C ILE C 278 6.07 -11.22 -4.61
N LYS C 279 4.76 -10.97 -4.80
CA LYS C 279 3.78 -11.90 -4.27
C LYS C 279 3.76 -13.12 -5.19
N VAL C 280 3.63 -14.29 -4.57
CA VAL C 280 3.48 -15.54 -5.31
C VAL C 280 2.33 -16.27 -4.64
N ASP C 281 1.10 -15.87 -4.96
CA ASP C 281 -0.06 -16.23 -4.19
C ASP C 281 -1.22 -16.70 -5.07
N GLY C 282 -1.05 -16.75 -6.39
CA GLY C 282 -2.13 -17.27 -7.22
C GLY C 282 -3.39 -16.37 -7.21
N GLY C 283 -3.21 -15.11 -6.80
CA GLY C 283 -4.29 -14.13 -6.70
C GLY C 283 -5.02 -14.12 -5.36
N LEU C 284 -4.59 -14.95 -4.38
CA LEU C 284 -5.37 -15.13 -3.15
C LEU C 284 -5.60 -13.78 -2.45
N SER C 285 -4.58 -12.91 -2.44
CA SER C 285 -4.70 -11.66 -1.72
C SER C 285 -5.70 -10.67 -2.36
N LEU C 286 -6.13 -10.90 -3.61
CA LEU C 286 -7.11 -10.05 -4.29
C LEU C 286 -8.55 -10.43 -3.95
N VAL C 287 -8.76 -11.56 -3.26
CA VAL C 287 -10.11 -12.06 -3.01
C VAL C 287 -10.72 -11.41 -1.77
N HIS C 288 -11.86 -10.73 -1.91
CA HIS C 288 -12.52 -10.17 -0.74
C HIS C 288 -13.19 -11.26 0.11
N ALA C 289 -13.57 -10.86 1.32
CA ALA C 289 -14.35 -11.64 2.28
C ALA C 289 -15.66 -12.20 1.68
N GLU D 23 5.20 -25.00 -32.90
N GLU D 23 5.35 -24.97 -32.94
CA GLU D 23 4.65 -23.62 -33.09
CA GLU D 23 4.65 -23.65 -33.02
C GLU D 23 5.08 -22.76 -31.89
C GLU D 23 5.13 -22.79 -31.86
N ALA D 24 5.79 -21.66 -32.19
CA ALA D 24 6.22 -20.71 -31.18
C ALA D 24 5.04 -19.82 -30.79
N PRO D 25 4.92 -19.45 -29.49
CA PRO D 25 3.85 -18.57 -29.04
C PRO D 25 3.99 -17.17 -29.64
N ALA D 26 2.95 -16.33 -29.44
CA ALA D 26 2.89 -15.00 -30.02
C ALA D 26 2.56 -13.95 -28.94
N ALA D 27 3.24 -12.81 -29.03
CA ALA D 27 2.99 -11.70 -28.12
C ALA D 27 2.74 -10.39 -28.87
N VAL D 28 1.80 -9.58 -28.34
CA VAL D 28 1.59 -8.20 -28.73
C VAL D 28 2.30 -7.32 -27.69
N VAL D 29 3.14 -6.41 -28.18
CA VAL D 29 3.71 -5.33 -27.38
C VAL D 29 3.24 -4.00 -27.95
N THR D 30 2.61 -3.18 -27.09
CA THR D 30 2.16 -1.85 -27.52
C THR D 30 3.29 -0.84 -27.39
N GLY D 31 3.27 0.17 -28.26
CA GLY D 31 4.38 1.12 -28.40
C GLY D 31 5.76 0.42 -28.41
N ALA D 32 5.93 -0.52 -29.33
CA ALA D 32 7.09 -1.40 -29.36
C ALA D 32 8.17 -0.89 -30.32
N ALA D 33 7.98 0.29 -30.91
CA ALA D 33 8.89 0.81 -31.92
C ALA D 33 10.20 1.31 -31.32
N LYS D 34 10.14 1.85 -30.09
CA LYS D 34 11.28 2.54 -29.53
C LYS D 34 11.41 2.13 -28.07
N ARG D 35 12.54 2.53 -27.46
CA ARG D 35 12.76 2.53 -26.02
C ARG D 35 12.34 1.23 -25.33
N ILE D 36 11.48 1.29 -24.30
CA ILE D 36 11.34 0.12 -23.47
C ILE D 36 10.56 -0.98 -24.19
N GLY D 37 9.52 -0.56 -24.95
CA GLY D 37 8.68 -1.48 -25.70
C GLY D 37 9.51 -2.29 -26.70
N ARG D 38 10.46 -1.61 -27.34
CA ARG D 38 11.33 -2.26 -28.31
C ARG D 38 12.17 -3.33 -27.60
N ALA D 39 12.75 -2.97 -26.45
CA ALA D 39 13.55 -3.91 -25.69
C ALA D 39 12.72 -5.11 -25.22
N ILE D 40 11.43 -4.89 -24.88
CA ILE D 40 10.57 -6.02 -24.53
C ILE D 40 10.31 -6.90 -25.77
N ALA D 41 10.02 -6.28 -26.93
CA ALA D 41 9.73 -7.08 -28.12
C ALA D 41 10.96 -7.90 -28.49
N VAL D 42 12.10 -7.22 -28.63
CA VAL D 42 13.38 -7.85 -28.93
C VAL D 42 13.52 -9.10 -28.06
N LYS D 43 13.32 -8.92 -26.75
CA LYS D 43 13.71 -9.93 -25.80
C LYS D 43 12.69 -11.08 -25.77
N LEU D 44 11.40 -10.79 -26.02
CA LEU D 44 10.43 -11.85 -26.25
C LEU D 44 10.81 -12.69 -27.48
N HIS D 45 11.25 -11.98 -28.51
CA HIS D 45 11.67 -12.60 -29.77
C HIS D 45 12.86 -13.51 -29.53
N GLN D 46 13.86 -13.00 -28.81
CA GLN D 46 15.05 -13.76 -28.46
C GLN D 46 14.71 -14.96 -27.56
N THR D 47 13.50 -14.96 -26.96
CA THR D 47 13.07 -16.03 -26.09
C THR D 47 12.25 -17.05 -26.86
N GLY D 48 11.89 -16.74 -28.12
CA GLY D 48 11.16 -17.70 -28.91
C GLY D 48 9.77 -17.25 -29.36
N TYR D 49 9.32 -16.08 -28.90
CA TYR D 49 8.03 -15.55 -29.31
C TYR D 49 8.10 -14.92 -30.71
N ARG D 50 6.98 -15.07 -31.44
CA ARG D 50 6.62 -14.20 -32.56
C ARG D 50 5.93 -12.95 -31.99
N VAL D 51 6.07 -11.81 -32.68
CA VAL D 51 5.74 -10.55 -32.04
C VAL D 51 5.00 -9.63 -33.00
N VAL D 52 3.89 -9.05 -32.50
CA VAL D 52 3.24 -7.92 -33.14
C VAL D 52 3.80 -6.68 -32.47
N ILE D 53 4.38 -5.83 -33.32
CA ILE D 53 4.97 -4.58 -32.88
C ILE D 53 3.98 -3.47 -33.17
N HIS D 54 3.28 -3.01 -32.11
CA HIS D 54 2.38 -1.89 -32.25
C HIS D 54 3.18 -0.59 -32.22
N TYR D 55 2.71 0.38 -33.01
CA TYR D 55 3.23 1.74 -33.01
C TYR D 55 2.06 2.65 -33.33
N HIS D 56 2.26 3.96 -33.09
CA HIS D 56 1.35 5.00 -33.50
C HIS D 56 2.01 5.83 -34.60
N ASN D 57 3.09 6.54 -34.23
CA ASN D 57 3.77 7.47 -35.13
C ASN D 57 5.08 6.89 -35.66
N SER D 58 5.73 6.02 -34.90
CA SER D 58 7.09 5.63 -35.22
C SER D 58 7.13 4.50 -36.27
N ALA D 59 6.53 4.80 -37.43
CA ALA D 59 6.50 3.95 -38.63
C ALA D 59 7.88 3.36 -38.96
N GLU D 60 8.87 4.22 -39.22
CA GLU D 60 10.19 3.77 -39.64
C GLU D 60 10.79 2.81 -38.60
N ALA D 61 10.85 3.24 -37.34
CA ALA D 61 11.44 2.41 -36.29
C ALA D 61 10.71 1.09 -36.21
N ALA D 62 9.38 1.12 -36.39
CA ALA D 62 8.54 -0.08 -36.30
C ALA D 62 8.96 -1.08 -37.37
N VAL D 63 8.96 -0.61 -38.62
CA VAL D 63 9.24 -1.47 -39.77
C VAL D 63 10.69 -1.95 -39.67
N SER D 64 11.57 -1.03 -39.30
CA SER D 64 12.98 -1.32 -39.07
C SER D 64 13.17 -2.49 -38.10
N LEU D 65 12.44 -2.50 -36.98
CA LEU D 65 12.68 -3.53 -35.99
C LEU D 65 12.21 -4.90 -36.51
N ALA D 66 11.05 -4.90 -37.18
CA ALA D 66 10.44 -6.13 -37.65
C ALA D 66 11.33 -6.79 -38.70
N ASP D 67 11.97 -5.98 -39.55
CA ASP D 67 12.96 -6.42 -40.53
C ASP D 67 14.11 -7.12 -39.82
N GLU D 68 14.57 -6.53 -38.73
CA GLU D 68 15.67 -7.08 -37.94
C GLU D 68 15.27 -8.40 -37.30
N LEU D 69 14.03 -8.49 -36.80
CA LEU D 69 13.55 -9.70 -36.16
C LEU D 69 13.38 -10.80 -37.20
N ASN D 70 12.85 -10.42 -38.37
CA ASN D 70 12.51 -11.36 -39.43
C ASN D 70 13.76 -11.91 -40.11
N LYS D 71 14.78 -11.04 -40.26
CA LYS D 71 16.06 -11.45 -40.83
C LYS D 71 16.69 -12.48 -39.90
N GLU D 72 16.42 -12.36 -38.60
CA GLU D 72 16.99 -13.23 -37.57
C GLU D 72 16.27 -14.58 -37.60
N ARG D 73 14.97 -14.54 -37.91
CA ARG D 73 14.11 -15.71 -37.97
C ARG D 73 12.92 -15.34 -38.83
N SER D 74 12.86 -15.86 -40.06
CA SER D 74 11.85 -15.38 -40.99
C SER D 74 10.44 -15.62 -40.46
N ASN D 75 9.54 -14.69 -40.79
CA ASN D 75 8.10 -14.80 -40.56
C ASN D 75 7.77 -14.76 -39.07
N THR D 76 8.47 -13.92 -38.30
CA THR D 76 8.28 -13.95 -36.85
C THR D 76 7.87 -12.60 -36.25
N ALA D 77 7.77 -11.55 -37.09
CA ALA D 77 7.46 -10.20 -36.64
C ALA D 77 6.57 -9.47 -37.63
N VAL D 78 5.54 -8.78 -37.12
CA VAL D 78 4.73 -7.85 -37.91
C VAL D 78 4.60 -6.52 -37.17
N VAL D 79 4.15 -5.48 -37.89
CA VAL D 79 3.77 -4.25 -37.22
C VAL D 79 2.25 -4.04 -37.32
N CYS D 80 1.72 -3.17 -36.45
CA CYS D 80 0.30 -2.85 -36.44
C CYS D 80 0.14 -1.44 -35.88
N GLN D 81 -0.37 -0.53 -36.73
CA GLN D 81 -0.53 0.88 -36.41
C GLN D 81 -1.87 1.12 -35.73
N ALA D 82 -1.84 1.90 -34.64
CA ALA D 82 -3.09 2.26 -33.99
C ALA D 82 -2.88 3.44 -33.06
N ASP D 83 -3.79 4.40 -33.13
CA ASP D 83 -3.88 5.47 -32.14
C ASP D 83 -4.60 4.93 -30.91
N LEU D 84 -4.00 5.08 -29.71
CA LEU D 84 -4.51 4.53 -28.47
C LEU D 84 -5.12 5.61 -27.56
N THR D 85 -5.43 6.74 -28.20
CA THR D 85 -6.16 7.84 -27.58
C THR D 85 -7.60 7.36 -27.37
N ASN D 86 -8.20 7.71 -26.23
CA ASN D 86 -9.58 7.34 -25.96
C ASN D 86 -10.48 8.08 -26.94
N SER D 87 -11.53 7.38 -27.36
CA SER D 87 -12.51 7.85 -28.32
C SER D 87 -13.52 6.72 -28.50
N ASN D 88 -14.61 6.99 -29.21
CA ASN D 88 -15.64 5.97 -29.39
C ASN D 88 -15.15 4.82 -30.28
N VAL D 89 -13.99 4.95 -30.93
CA VAL D 89 -13.54 3.87 -31.79
C VAL D 89 -12.30 3.20 -31.19
N LEU D 90 -11.91 3.61 -29.99
CA LEU D 90 -10.79 2.90 -29.41
C LEU D 90 -11.08 1.41 -29.25
N PRO D 91 -12.29 0.93 -28.90
CA PRO D 91 -12.50 -0.52 -28.76
C PRO D 91 -12.20 -1.31 -30.04
N ALA D 92 -12.61 -0.73 -31.17
CA ALA D 92 -12.37 -1.33 -32.46
C ALA D 92 -10.87 -1.33 -32.77
N SER D 93 -10.16 -0.21 -32.46
CA SER D 93 -8.73 -0.21 -32.69
C SER D 93 -8.04 -1.27 -31.81
N CYS D 94 -8.48 -1.41 -30.54
CA CYS D 94 -7.89 -2.42 -29.68
C CYS D 94 -8.19 -3.83 -30.19
N GLU D 95 -9.43 -4.07 -30.60
CA GLU D 95 -9.81 -5.36 -31.14
C GLU D 95 -8.94 -5.73 -32.34
N GLU D 96 -8.57 -4.70 -33.12
CA GLU D 96 -7.81 -4.87 -34.36
C GLU D 96 -6.37 -5.26 -34.03
N ILE D 97 -5.80 -4.72 -32.95
CA ILE D 97 -4.43 -5.01 -32.59
C ILE D 97 -4.30 -6.49 -32.25
N ILE D 98 -5.28 -6.98 -31.48
CA ILE D 98 -5.30 -8.37 -31.08
C ILE D 98 -5.55 -9.25 -32.33
N ASN D 99 -6.49 -8.84 -33.16
CA ASN D 99 -6.87 -9.54 -34.38
C ASN D 99 -5.65 -9.68 -35.29
N SER D 100 -4.83 -8.62 -35.35
CA SER D 100 -3.59 -8.62 -36.12
CA SER D 100 -3.63 -8.66 -36.15
C SER D 100 -2.70 -9.78 -35.71
N CYS D 101 -2.72 -10.12 -34.41
CA CYS D 101 -1.85 -11.18 -33.92
C CYS D 101 -2.37 -12.53 -34.39
N PHE D 102 -3.69 -12.69 -34.43
CA PHE D 102 -4.28 -13.95 -34.87
C PHE D 102 -4.11 -14.10 -36.38
N ARG D 103 -4.22 -12.98 -37.09
CA ARG D 103 -4.08 -12.95 -38.54
C ARG D 103 -2.66 -13.34 -38.90
N ALA D 104 -1.67 -12.77 -38.21
CA ALA D 104 -0.28 -13.06 -38.55
C ALA D 104 0.12 -14.46 -38.09
N PHE D 105 -0.32 -14.87 -36.88
CA PHE D 105 0.38 -15.93 -36.19
C PHE D 105 -0.55 -17.07 -35.76
N GLY D 106 -1.86 -16.84 -35.89
CA GLY D 106 -2.87 -17.84 -35.55
C GLY D 106 -3.06 -18.02 -34.05
N ARG D 107 -2.46 -17.16 -33.22
CA ARG D 107 -2.59 -17.30 -31.77
C ARG D 107 -2.16 -16.00 -31.11
N CYS D 108 -2.58 -15.79 -29.86
CA CYS D 108 -2.04 -14.67 -29.10
C CYS D 108 -1.86 -15.10 -27.64
N ASP D 109 -0.60 -15.24 -27.22
CA ASP D 109 -0.30 -15.87 -25.93
C ASP D 109 -0.02 -14.80 -24.87
N VAL D 110 0.57 -13.68 -25.32
CA VAL D 110 1.06 -12.66 -24.39
C VAL D 110 0.61 -11.29 -24.88
N LEU D 111 0.15 -10.45 -23.92
CA LEU D 111 -0.11 -9.06 -24.24
C LEU D 111 0.74 -8.23 -23.29
N VAL D 112 1.51 -7.29 -23.85
CA VAL D 112 2.30 -6.35 -23.06
C VAL D 112 1.73 -4.93 -23.28
N ASN D 113 1.11 -4.37 -22.21
CA ASN D 113 0.59 -3.02 -22.29
C ASN D 113 1.68 -2.01 -21.92
N ASN D 114 2.41 -1.52 -22.92
CA ASN D 114 3.59 -0.69 -22.76
C ASN D 114 3.35 0.75 -23.21
N ALA D 115 2.52 0.97 -24.26
CA ALA D 115 2.36 2.31 -24.83
C ALA D 115 1.87 3.30 -23.76
N SER D 116 2.40 4.52 -23.79
CA SER D 116 2.08 5.45 -22.71
C SER D 116 2.32 6.87 -23.17
N ALA D 117 1.31 7.74 -22.99
CA ALA D 117 1.46 9.18 -23.04
C ALA D 117 1.94 9.67 -21.67
N PHE D 118 2.84 10.67 -21.70
CA PHE D 118 3.43 11.21 -20.49
C PHE D 118 3.77 12.68 -20.70
N TYR D 119 3.04 13.57 -20.03
CA TYR D 119 3.31 15.00 -20.03
C TYR D 119 2.56 15.66 -18.89
N PRO D 120 2.95 16.88 -18.46
CA PRO D 120 2.25 17.56 -17.37
C PRO D 120 0.86 18.12 -17.74
N THR D 121 -0.05 18.09 -16.76
CA THR D 121 -1.38 18.64 -16.87
C THR D 121 -1.68 19.42 -15.61
N PRO D 122 -1.09 20.62 -15.41
CA PRO D 122 -1.23 21.35 -14.14
C PRO D 122 -2.70 21.63 -13.83
N LEU D 123 -3.04 21.64 -12.53
CA LEU D 123 -4.43 21.87 -12.13
C LEU D 123 -4.67 23.37 -12.19
N VAL D 124 -3.61 24.17 -12.01
CA VAL D 124 -3.72 25.63 -12.04
C VAL D 124 -2.88 26.13 -13.23
N GLN D 125 -3.56 26.78 -14.18
CA GLN D 125 -3.00 27.24 -15.45
C GLN D 125 -1.80 28.17 -15.21
N GLY D 134 -0.43 23.08 -26.10
CA GLY D 134 -1.54 23.74 -26.79
C GLY D 134 -2.84 22.91 -26.78
N LYS D 135 -2.80 21.74 -26.10
CA LYS D 135 -3.87 20.75 -26.16
C LYS D 135 -5.04 21.15 -25.26
N THR D 136 -6.27 20.85 -25.70
CA THR D 136 -7.41 21.09 -24.83
C THR D 136 -7.39 20.08 -23.69
N VAL D 137 -8.18 20.36 -22.66
CA VAL D 137 -8.23 19.42 -21.56
C VAL D 137 -8.92 18.13 -22.02
N GLU D 138 -9.92 18.23 -22.91
CA GLU D 138 -10.59 17.06 -23.48
C GLU D 138 -9.57 16.10 -24.12
N THR D 139 -8.61 16.65 -24.88
CA THR D 139 -7.54 15.88 -25.52
C THR D 139 -6.57 15.30 -24.50
N GLN D 140 -6.19 16.09 -23.48
CA GLN D 140 -5.29 15.60 -22.44
C GLN D 140 -5.85 14.36 -21.75
N VAL D 141 -7.14 14.40 -21.44
CA VAL D 141 -7.79 13.28 -20.78
C VAL D 141 -7.78 12.09 -21.74
N ALA D 142 -8.14 12.35 -23.01
CA ALA D 142 -8.22 11.28 -24.00
C ALA D 142 -6.88 10.54 -24.13
N GLU D 143 -5.78 11.30 -24.16
CA GLU D 143 -4.47 10.73 -24.40
C GLU D 143 -3.93 10.03 -23.16
N LEU D 144 -3.96 10.75 -22.03
CA LEU D 144 -3.34 10.24 -20.83
C LEU D 144 -4.15 9.09 -20.22
N ILE D 145 -5.47 9.21 -20.18
CA ILE D 145 -6.33 8.16 -19.64
C ILE D 145 -6.54 7.07 -20.70
N GLY D 146 -6.65 7.46 -21.97
CA GLY D 146 -6.80 6.44 -23.00
C GLY D 146 -5.63 5.48 -23.09
N THR D 147 -4.41 5.99 -23.34
CA THR D 147 -3.25 5.13 -23.56
C THR D 147 -2.88 4.34 -22.31
N ASN D 148 -2.90 5.02 -21.15
CA ASN D 148 -2.34 4.47 -19.94
C ASN D 148 -3.30 3.49 -19.25
N ALA D 149 -4.61 3.65 -19.48
CA ALA D 149 -5.62 2.88 -18.76
C ALA D 149 -6.70 2.30 -19.67
N ILE D 150 -7.38 3.13 -20.45
CA ILE D 150 -8.54 2.59 -21.15
C ILE D 150 -8.11 1.59 -22.24
N ALA D 151 -7.10 1.95 -23.04
CA ALA D 151 -6.61 1.02 -24.06
C ALA D 151 -6.19 -0.31 -23.44
N PRO D 152 -5.38 -0.33 -22.36
CA PRO D 152 -5.05 -1.58 -21.69
C PRO D 152 -6.26 -2.43 -21.35
N PHE D 153 -7.32 -1.77 -20.86
CA PHE D 153 -8.56 -2.46 -20.50
C PHE D 153 -9.20 -3.05 -21.75
N LEU D 154 -9.38 -2.21 -22.77
CA LEU D 154 -9.97 -2.73 -24.01
C LEU D 154 -9.12 -3.84 -24.63
N LEU D 155 -7.79 -3.70 -24.62
CA LEU D 155 -6.89 -4.75 -25.13
C LEU D 155 -7.00 -6.05 -24.33
N THR D 156 -7.13 -5.95 -22.99
CA THR D 156 -7.31 -7.08 -22.10
C THR D 156 -8.59 -7.84 -22.44
N MET D 157 -9.67 -7.07 -22.64
CA MET D 157 -10.97 -7.58 -23.00
C MET D 157 -10.89 -8.33 -24.32
N SER D 158 -10.22 -7.72 -25.32
CA SER D 158 -10.09 -8.34 -26.63
C SER D 158 -9.26 -9.62 -26.53
N PHE D 159 -8.15 -9.55 -25.79
CA PHE D 159 -7.25 -10.68 -25.59
C PHE D 159 -8.02 -11.87 -25.02
N ALA D 160 -8.78 -11.64 -23.94
CA ALA D 160 -9.47 -12.71 -23.22
C ALA D 160 -10.61 -13.29 -24.06
N GLN D 161 -11.29 -12.42 -24.81
CA GLN D 161 -12.42 -12.80 -25.64
C GLN D 161 -11.99 -13.77 -26.75
N ARG D 162 -10.87 -13.47 -27.43
CA ARG D 162 -10.37 -14.34 -28.50
C ARG D 162 -9.72 -15.61 -27.95
N GLN D 163 -9.64 -15.79 -26.63
CA GLN D 163 -9.01 -16.99 -26.08
C GLN D 163 -10.05 -18.11 -26.02
N SER D 173 -2.58 -22.29 -22.88
CA SER D 173 -1.24 -22.81 -22.49
C SER D 173 -0.66 -21.97 -21.34
N ASN D 174 0.21 -21.01 -21.67
CA ASN D 174 0.73 -20.09 -20.66
C ASN D 174 0.38 -18.67 -21.09
N LEU D 175 -0.89 -18.31 -20.87
CA LEU D 175 -1.43 -17.04 -21.33
C LEU D 175 -1.15 -15.99 -20.26
N SER D 176 -0.60 -14.83 -20.65
CA SER D 176 -0.39 -13.81 -19.62
C SER D 176 -0.39 -12.41 -20.21
N ILE D 177 -0.67 -11.41 -19.35
CA ILE D 177 -0.65 -10.03 -19.75
C ILE D 177 0.29 -9.31 -18.77
N VAL D 178 1.13 -8.40 -19.28
CA VAL D 178 2.00 -7.62 -18.42
C VAL D 178 1.72 -6.13 -18.66
N ASN D 179 1.41 -5.41 -17.57
CA ASN D 179 1.11 -3.98 -17.70
C ASN D 179 2.33 -3.19 -17.23
N LEU D 180 2.75 -2.20 -18.02
CA LEU D 180 3.82 -1.31 -17.61
C LEU D 180 3.26 -0.20 -16.71
N CYS D 181 3.58 -0.33 -15.41
CA CYS D 181 3.04 0.54 -14.37
C CYS D 181 4.09 1.59 -14.02
N ASP D 182 4.10 2.11 -12.78
CA ASP D 182 5.03 3.19 -12.50
C ASP D 182 5.32 3.12 -11.01
N ALA D 183 6.60 2.90 -10.64
CA ALA D 183 6.98 2.71 -9.24
C ALA D 183 6.73 3.96 -8.40
N MET D 184 6.63 5.13 -9.04
CA MET D 184 6.58 6.39 -8.30
C MET D 184 5.14 6.90 -8.11
N VAL D 185 4.16 6.04 -8.33
CA VAL D 185 2.80 6.49 -8.53
C VAL D 185 2.20 7.02 -7.22
N ASP D 186 2.81 6.69 -6.07
CA ASP D 186 2.38 7.26 -4.80
C ASP D 186 3.31 8.37 -4.32
N GLN D 187 4.31 8.75 -5.12
CA GLN D 187 5.08 9.94 -4.80
C GLN D 187 5.19 10.68 -6.13
N PRO D 188 4.07 11.22 -6.66
CA PRO D 188 4.03 11.61 -8.07
C PRO D 188 4.88 12.83 -8.40
N CSX D 189 5.23 12.98 -9.68
CA CSX D 189 5.75 14.25 -10.18
CB CSX D 189 6.18 14.13 -11.66
SG CSX D 189 7.64 13.09 -11.88
C CSX D 189 4.69 15.34 -10.00
O CSX D 189 3.50 15.12 -10.21
OD CSX D 189 8.76 13.75 -11.13
N MET D 190 5.13 16.54 -9.60
CA MET D 190 4.26 17.71 -9.50
C MET D 190 3.64 17.98 -10.87
N ALA D 191 2.32 18.22 -10.90
CA ALA D 191 1.55 18.68 -12.05
C ALA D 191 1.32 17.56 -13.07
N PHE D 192 1.41 16.30 -12.62
CA PHE D 192 1.17 15.16 -13.51
C PHE D 192 -0.07 14.38 -13.06
N SER D 193 -1.17 15.10 -12.74
CA SER D 193 -2.33 14.43 -12.16
CA SER D 193 -2.39 14.51 -12.19
C SER D 193 -2.98 13.44 -13.13
N LEU D 194 -3.17 13.81 -14.41
CA LEU D 194 -3.86 12.87 -15.30
C LEU D 194 -3.00 11.65 -15.60
N TYR D 195 -1.70 11.86 -15.79
CA TYR D 195 -0.82 10.73 -15.95
C TYR D 195 -0.92 9.81 -14.74
N ASN D 196 -0.81 10.37 -13.53
CA ASN D 196 -0.81 9.56 -12.33
CA ASN D 196 -0.81 9.54 -12.33
C ASN D 196 -2.14 8.81 -12.18
N MET D 197 -3.24 9.48 -12.52
CA MET D 197 -4.56 8.87 -12.46
C MET D 197 -4.63 7.66 -13.38
N GLY D 198 -4.06 7.79 -14.58
CA GLY D 198 -4.03 6.70 -15.54
C GLY D 198 -3.22 5.50 -15.03
N LYS D 199 -2.09 5.79 -14.40
CA LYS D 199 -1.22 4.70 -13.96
C LYS D 199 -1.88 4.04 -12.75
N HIS D 200 -2.56 4.84 -11.91
CA HIS D 200 -3.30 4.24 -10.80
C HIS D 200 -4.39 3.33 -11.33
N ALA D 201 -5.13 3.81 -12.33
CA ALA D 201 -6.17 3.01 -12.95
C ALA D 201 -5.61 1.68 -13.46
N LEU D 202 -4.37 1.70 -13.98
CA LEU D 202 -3.75 0.49 -14.52
C LEU D 202 -3.45 -0.54 -13.42
N VAL D 203 -3.03 -0.03 -12.26
CA VAL D 203 -2.92 -0.94 -11.12
C VAL D 203 -4.26 -1.62 -10.87
N GLY D 204 -5.33 -0.84 -10.80
CA GLY D 204 -6.64 -1.42 -10.58
C GLY D 204 -6.99 -2.46 -11.64
N LEU D 205 -6.69 -2.15 -12.91
CA LEU D 205 -6.93 -3.08 -14.00
C LEU D 205 -6.12 -4.36 -13.76
N THR D 206 -4.86 -4.21 -13.34
CA THR D 206 -3.99 -5.36 -13.10
C THR D 206 -4.63 -6.29 -12.07
N GLN D 207 -5.18 -5.72 -10.99
CA GLN D 207 -5.76 -6.54 -9.94
C GLN D 207 -7.10 -7.16 -10.36
N SER D 208 -7.96 -6.34 -10.99
CA SER D 208 -9.32 -6.74 -11.34
C SER D 208 -9.28 -7.84 -12.39
N ALA D 209 -8.42 -7.67 -13.40
CA ALA D 209 -8.32 -8.68 -14.46
C ALA D 209 -7.62 -9.93 -13.97
N ALA D 210 -6.67 -9.77 -13.02
CA ALA D 210 -6.01 -10.95 -12.49
C ALA D 210 -7.09 -11.81 -11.81
N LEU D 211 -7.94 -11.16 -11.03
CA LEU D 211 -8.98 -11.90 -10.31
C LEU D 211 -9.93 -12.58 -11.29
N GLU D 212 -10.39 -11.81 -12.29
CA GLU D 212 -11.45 -12.21 -13.20
C GLU D 212 -10.95 -13.24 -14.21
N LEU D 213 -9.69 -13.12 -14.66
CA LEU D 213 -9.21 -13.98 -15.73
C LEU D 213 -8.48 -15.22 -15.22
N ALA D 214 -8.24 -15.30 -13.91
CA ALA D 214 -7.62 -16.48 -13.30
C ALA D 214 -8.34 -17.77 -13.73
N PRO D 215 -9.68 -17.90 -13.57
CA PRO D 215 -10.37 -19.15 -13.94
C PRO D 215 -10.18 -19.55 -15.39
N TYR D 216 -9.75 -18.59 -16.24
CA TYR D 216 -9.48 -18.86 -17.64
C TYR D 216 -8.00 -19.22 -17.85
N GLY D 217 -7.21 -19.23 -16.77
CA GLY D 217 -5.80 -19.56 -16.85
C GLY D 217 -4.93 -18.41 -17.40
N ILE D 218 -5.50 -17.22 -17.50
CA ILE D 218 -4.72 -16.06 -17.97
C ILE D 218 -4.18 -15.33 -16.74
N ARG D 219 -2.88 -15.10 -16.68
CA ARG D 219 -2.27 -14.39 -15.55
C ARG D 219 -2.10 -12.93 -15.94
N VAL D 220 -2.20 -12.04 -14.94
CA VAL D 220 -2.11 -10.63 -15.24
C VAL D 220 -1.20 -9.96 -14.22
N ASN D 221 -0.11 -9.35 -14.69
CA ASN D 221 0.88 -8.83 -13.75
C ASN D 221 1.36 -7.49 -14.25
N GLY D 222 2.13 -6.81 -13.43
CA GLY D 222 2.71 -5.54 -13.82
C GLY D 222 4.21 -5.46 -13.53
N VAL D 223 4.87 -4.56 -14.26
CA VAL D 223 6.26 -4.17 -14.06
C VAL D 223 6.25 -2.66 -13.94
N ALA D 224 6.88 -2.16 -12.85
CA ALA D 224 6.80 -0.76 -12.45
C ALA D 224 8.20 -0.15 -12.44
N PRO D 225 8.65 0.45 -13.56
CA PRO D 225 9.93 1.14 -13.57
C PRO D 225 9.93 2.37 -12.66
N GLY D 226 11.12 2.72 -12.16
CA GLY D 226 11.27 4.02 -11.51
C GLY D 226 11.68 5.07 -12.52
N VAL D 227 13.00 5.24 -12.65
CA VAL D 227 13.55 6.05 -13.71
C VAL D 227 14.32 5.12 -14.64
N SER D 228 13.92 5.12 -15.90
CA SER D 228 14.58 4.33 -16.93
C SER D 228 15.06 5.31 -17.99
N LEU D 229 15.11 4.87 -19.25
CA LEU D 229 15.47 5.72 -20.37
C LEU D 229 14.84 7.08 -20.14
N LEU D 230 15.69 8.11 -20.12
CA LEU D 230 15.29 9.44 -19.70
C LEU D 230 14.73 10.20 -20.90
N PRO D 231 14.01 11.33 -20.69
CA PRO D 231 13.38 12.07 -21.79
C PRO D 231 14.34 12.55 -22.87
N VAL D 232 13.79 12.79 -24.07
CA VAL D 232 14.54 13.18 -25.25
C VAL D 232 15.04 14.62 -25.07
N ALA D 233 14.21 15.45 -24.43
CA ALA D 233 14.53 16.86 -24.23
C ALA D 233 14.93 17.10 -22.77
N MET D 234 16.20 16.85 -22.45
CA MET D 234 16.70 17.03 -21.09
C MET D 234 18.22 17.10 -21.08
N GLY D 235 18.75 18.14 -20.41
CA GLY D 235 20.17 18.41 -20.33
C GLY D 235 20.92 17.34 -19.53
N GLU D 236 22.25 17.41 -19.62
CA GLU D 236 23.20 16.57 -18.90
C GLU D 236 23.10 16.78 -17.40
N GLU D 237 23.01 18.06 -17.01
CA GLU D 237 22.92 18.48 -15.61
C GLU D 237 21.70 17.86 -14.94
N GLU D 238 20.58 17.82 -15.69
CA GLU D 238 19.27 17.40 -15.20
C GLU D 238 19.23 15.87 -15.13
N LYS D 239 19.92 15.19 -16.06
CA LYS D 239 19.92 13.75 -16.06
C LYS D 239 20.65 13.23 -14.83
N ASP D 240 21.79 13.86 -14.55
CA ASP D 240 22.65 13.45 -13.45
C ASP D 240 21.96 13.72 -12.12
N LYS D 241 21.07 14.72 -12.12
CA LYS D 241 20.25 15.12 -11.00
C LYS D 241 19.36 13.95 -10.58
N TRP D 242 18.61 13.42 -11.54
CA TRP D 242 17.70 12.31 -11.31
C TRP D 242 18.51 11.06 -10.98
N ARG D 243 19.60 10.82 -11.75
CA ARG D 243 20.38 9.60 -11.59
C ARG D 243 20.90 9.49 -10.16
N ARG D 244 21.32 10.64 -9.60
CA ARG D 244 21.89 10.82 -8.28
C ARG D 244 20.93 10.34 -7.19
N LYS D 245 19.62 10.33 -7.50
CA LYS D 245 18.56 9.98 -6.56
C LYS D 245 18.47 8.47 -6.34
N VAL D 246 18.97 7.69 -7.31
CA VAL D 246 18.77 6.25 -7.33
C VAL D 246 19.79 5.58 -6.40
N PRO D 247 19.34 4.94 -5.29
CA PRO D 247 20.24 4.25 -4.35
C PRO D 247 21.14 3.19 -4.98
N LEU D 248 20.60 2.40 -5.92
CA LEU D 248 21.36 1.28 -6.46
C LEU D 248 22.12 1.76 -7.68
N GLY D 249 23.35 2.23 -7.48
CA GLY D 249 24.25 2.51 -8.58
C GLY D 249 24.08 3.90 -9.19
N ARG D 250 23.19 4.72 -8.63
CA ARG D 250 23.05 6.11 -9.04
C ARG D 250 22.91 6.23 -10.55
N ARG D 251 22.04 5.40 -11.13
CA ARG D 251 21.77 5.45 -12.56
C ARG D 251 20.34 4.95 -12.82
N GLU D 252 19.82 5.28 -14.01
CA GLU D 252 18.51 4.84 -14.48
C GLU D 252 18.55 3.37 -14.91
N ALA D 253 17.36 2.76 -15.10
CA ALA D 253 17.31 1.41 -15.61
C ALA D 253 17.54 1.42 -17.12
N SER D 254 18.32 0.43 -17.58
CA SER D 254 18.32 0.10 -19.00
C SER D 254 16.96 -0.48 -19.37
N ALA D 255 16.57 -0.33 -20.64
CA ALA D 255 15.32 -0.90 -21.12
C ALA D 255 15.37 -2.41 -20.93
N GLU D 256 16.57 -2.98 -21.07
CA GLU D 256 16.76 -4.43 -21.00
C GLU D 256 16.47 -4.90 -19.59
N GLN D 257 16.85 -4.09 -18.60
CA GLN D 257 16.56 -4.40 -17.22
C GLN D 257 15.03 -4.48 -17.01
N ILE D 258 14.28 -3.58 -17.66
CA ILE D 258 12.84 -3.58 -17.52
C ILE D 258 12.28 -4.83 -18.25
N ALA D 259 12.79 -5.04 -19.46
CA ALA D 259 12.42 -6.20 -20.26
C ALA D 259 12.66 -7.53 -19.53
N ASP D 260 13.70 -7.58 -18.67
CA ASP D 260 14.05 -8.78 -17.93
C ASP D 260 12.92 -9.26 -17.02
N ALA D 261 12.25 -8.29 -16.38
CA ALA D 261 11.16 -8.59 -15.46
C ALA D 261 9.90 -9.03 -16.21
N VAL D 262 9.67 -8.44 -17.38
CA VAL D 262 8.58 -8.83 -18.25
C VAL D 262 8.76 -10.29 -18.62
N ILE D 263 9.97 -10.62 -19.09
CA ILE D 263 10.38 -11.98 -19.43
C ILE D 263 10.07 -12.95 -18.28
N PHE D 264 10.48 -12.60 -17.05
CA PHE D 264 10.18 -13.45 -15.93
C PHE D 264 8.66 -13.66 -15.83
N LEU D 265 7.90 -12.57 -15.85
CA LEU D 265 6.46 -12.70 -15.60
C LEU D 265 5.73 -13.56 -16.64
N VAL D 266 6.23 -13.61 -17.88
CA VAL D 266 5.51 -14.38 -18.89
C VAL D 266 5.92 -15.85 -18.86
N SER D 267 7.07 -16.15 -18.25
CA SER D 267 7.79 -17.43 -18.29
C SER D 267 7.11 -18.49 -17.42
N GLY D 268 7.55 -19.75 -17.60
CA GLY D 268 7.09 -20.87 -16.79
C GLY D 268 7.45 -20.71 -15.32
N SER D 269 8.43 -19.84 -15.03
CA SER D 269 8.89 -19.59 -13.67
C SER D 269 7.91 -18.73 -12.86
N ALA D 270 6.84 -18.25 -13.49
CA ALA D 270 5.91 -17.32 -12.83
C ALA D 270 4.48 -17.84 -12.87
N GLN D 271 4.30 -19.15 -13.00
CA GLN D 271 3.01 -19.72 -13.33
C GLN D 271 1.99 -19.61 -12.19
N TYR D 272 2.47 -19.27 -10.97
CA TYR D 272 1.53 -19.08 -9.88
C TYR D 272 1.48 -17.59 -9.48
N ILE D 273 2.09 -16.72 -10.28
CA ILE D 273 2.12 -15.30 -9.95
C ILE D 273 1.04 -14.61 -10.78
N THR D 274 0.02 -14.06 -10.08
CA THR D 274 -0.95 -13.21 -10.74
C THR D 274 -1.37 -12.08 -9.80
N GLY D 275 -1.68 -10.91 -10.39
CA GLY D 275 -2.05 -9.75 -9.62
C GLY D 275 -0.86 -9.10 -8.92
N SER D 276 0.36 -9.38 -9.38
CA SER D 276 1.58 -8.91 -8.74
C SER D 276 2.19 -7.79 -9.56
N ILE D 277 2.74 -6.78 -8.89
CA ILE D 277 3.48 -5.74 -9.60
C ILE D 277 4.92 -5.71 -9.09
N ILE D 278 5.89 -5.89 -10.00
CA ILE D 278 7.28 -5.98 -9.62
C ILE D 278 7.93 -4.63 -9.87
N LYS D 279 8.39 -3.99 -8.80
CA LYS D 279 9.12 -2.72 -8.96
C LYS D 279 10.53 -3.00 -9.46
N VAL D 280 10.97 -2.26 -10.47
CA VAL D 280 12.30 -2.35 -11.03
C VAL D 280 12.84 -0.93 -11.02
N ASP D 281 13.25 -0.46 -9.84
CA ASP D 281 13.45 0.98 -9.62
C ASP D 281 14.73 1.30 -8.86
N GLY D 282 15.55 0.28 -8.58
CA GLY D 282 16.82 0.50 -7.89
C GLY D 282 16.68 1.16 -6.51
N GLY D 283 15.49 1.05 -5.90
CA GLY D 283 15.31 1.59 -4.57
C GLY D 283 14.73 3.01 -4.57
N LEU D 284 14.46 3.57 -5.75
CA LEU D 284 14.10 4.99 -5.91
C LEU D 284 12.86 5.34 -5.08
N SER D 285 11.89 4.42 -5.08
CA SER D 285 10.62 4.69 -4.41
C SER D 285 10.81 4.63 -2.89
N LEU D 286 11.97 4.15 -2.42
CA LEU D 286 12.20 4.06 -0.98
C LEU D 286 12.77 5.35 -0.40
N VAL D 287 13.16 6.30 -1.26
CA VAL D 287 13.92 7.48 -0.86
C VAL D 287 13.02 8.65 -0.47
N HIS D 288 13.12 9.12 0.80
CA HIS D 288 12.27 10.21 1.27
C HIS D 288 12.74 11.53 0.67
N ALA D 289 11.88 12.56 0.72
CA ALA D 289 12.16 13.89 0.19
C ALA D 289 13.42 14.45 0.87
PA NDP E . 9.35 11.07 21.78
O1A NDP E . 9.42 12.43 22.39
O2A NDP E . 10.52 10.62 20.96
O5B NDP E . 9.06 9.97 22.91
C5B NDP E . 7.84 9.99 23.66
C4B NDP E . 8.08 9.30 24.98
O4B NDP E . 8.50 7.94 24.76
C3B NDP E . 9.24 9.85 25.84
O3B NDP E . 8.92 11.05 26.54
C2B NDP E . 9.57 8.66 26.75
O2B NDP E . 9.06 8.77 28.09
C1B NDP E . 8.91 7.48 26.02
N9A NDP E . 9.83 6.35 25.91
C8A NDP E . 11.01 6.27 25.21
N7A NDP E . 11.67 5.17 25.45
C5A NDP E . 10.92 4.52 26.43
C6A NDP E . 11.10 3.30 27.13
N6A NDP E . 12.15 2.52 26.96
N1A NDP E . 10.19 2.98 28.10
C2A NDP E . 9.13 3.79 28.25
N3A NDP E . 8.85 4.95 27.65
C4A NDP E . 9.79 5.26 26.73
O3 NDP E . 8.01 11.00 20.88
PN NDP E . 7.22 12.17 20.11
O1N NDP E . 8.24 12.97 19.37
O2N NDP E . 6.35 12.86 21.13
O5D NDP E . 6.29 11.38 19.06
C5D NDP E . 5.09 10.72 19.55
C4D NDP E . 4.80 9.53 18.69
O4D NDP E . 4.72 9.96 17.30
C3D NDP E . 5.85 8.41 18.73
O3D NDP E . 5.24 7.13 18.78
C2D NDP E . 6.64 8.66 17.43
O2D NDP E . 7.34 7.57 16.89
C1D NDP E . 5.55 9.16 16.51
N1N NDP E . 6.13 10.02 15.45
C2N NDP E . 6.70 11.22 15.76
C3N NDP E . 7.20 12.06 14.80
C7N NDP E . 7.83 13.37 15.17
O7N NDP E . 8.25 14.10 14.26
N7N NDP E . 7.95 13.71 16.44
C4N NDP E . 7.16 11.62 13.39
C5N NDP E . 6.68 10.22 13.17
C6N NDP E . 6.04 9.58 14.13
P2B NDP E . 9.99 9.50 29.21
O1X NDP E . 9.15 9.41 30.48
O2X NDP E . 11.31 8.74 29.37
O3X NDP E . 10.18 10.93 28.76
CAF A1IXP F . 10.82 11.73 14.86
CAC A1IXP F . 10.54 10.89 15.86
SAV A1IXP F . 10.66 11.03 17.63
CAB A1IXP F . 10.09 9.42 17.86
NAA A1IXP F . 9.89 8.74 19.01
NAE A1IXP F . 9.83 8.88 16.68
CAD A1IXP F . 10.05 9.64 15.59
CAI A1IXP F . 9.85 9.26 14.31
CAH A1IXP F . 10.12 10.08 13.23
CAG A1IXP F . 10.61 11.34 13.53
CAJ A1IXP F . 10.91 12.22 12.49
OAK A1IXP F . 11.41 13.32 12.74
NAL A1IXP F . 10.77 11.74 11.23
CAM A1IXP F . 11.08 12.58 10.07
CAN A1IXP F . 11.66 11.75 8.93
CAO A1IXP F . 11.69 12.50 7.75
CAP A1IXP F . 11.41 13.87 7.74
CAQ A1IXP F . 11.43 14.62 6.56
CLAU A1IXP F . 11.03 16.41 6.53
CAR A1IXP F . 11.76 13.95 5.37
CAS A1IXP F . 12.06 12.59 5.38
CAT A1IXP F . 12.02 11.85 6.55
C1 EDO G . 7.17 19.56 27.28
O1 EDO G . 6.37 19.79 28.44
C2 EDO G . 6.38 19.34 26.06
O2 EDO G . 5.01 19.79 26.17
C1 EDO H . 1.99 8.46 -0.24
O1 EDO H . 3.29 8.17 -0.68
C2 EDO H . 1.49 7.51 0.77
O2 EDO H . 1.33 8.18 2.01
PA NDP I . -24.95 6.03 -5.29
O1A NDP I . -26.25 6.17 -4.57
O2A NDP I . -24.63 4.80 -6.06
O5B NDP I . -24.73 7.31 -6.23
C5B NDP I . -24.71 8.65 -5.65
C4B NDP I . -25.20 9.60 -6.71
O4B NDP I . -24.33 9.52 -7.87
C3B NDP I . -26.59 9.31 -7.32
O3B NDP I . -27.69 9.70 -6.48
C2B NDP I . -26.51 9.98 -8.71
O2B NDP I . -27.23 11.23 -8.86
C1B NDP I . -25.00 10.20 -8.91
N9A NDP I . -24.56 9.78 -10.23
C8A NDP I . -24.48 8.52 -10.76
N7A NDP I . -24.14 8.49 -12.03
C5A NDP I . -24.04 9.84 -12.38
C6A NDP I . -23.73 10.49 -13.61
N6A NDP I . -23.50 9.87 -14.77
N1A NDP I . -23.78 11.85 -13.61
C2A NDP I . -24.02 12.48 -12.45
N3A NDP I . -24.30 11.99 -11.25
C4A NDP I . -24.30 10.64 -11.28
O3 NDP I . -23.76 6.25 -4.20
PN NDP I . -23.69 6.01 -2.60
O1N NDP I . -24.05 4.60 -2.29
O2N NDP I . -24.47 7.12 -1.94
O5D NDP I . -22.11 6.21 -2.30
C5D NDP I . -21.48 7.52 -2.25
C4D NDP I . -20.01 7.39 -2.59
O4D NDP I . -19.44 6.31 -1.78
C3D NDP I . -19.71 7.04 -4.04
O3D NDP I . -18.63 7.80 -4.56
C2D NDP I . -19.40 5.52 -3.95
O2D NDP I . -18.61 4.96 -4.99
C1D NDP I . -18.74 5.41 -2.58
N1N NDP I . -18.91 4.03 -2.01
C2N NDP I . -20.15 3.56 -1.61
C3N NDP I . -20.30 2.33 -0.97
C7N NDP I . -21.61 1.89 -0.42
O7N NDP I . -21.65 0.80 0.16
N7N NDP I . -22.71 2.63 -0.57
C4N NDP I . -19.10 1.48 -0.81
C5N NDP I . -17.85 2.00 -1.38
C6N NDP I . -17.80 3.22 -1.89
P2B NDP I . -28.83 11.20 -9.25
O1X NDP I . -29.53 10.20 -8.37
O2X NDP I . -29.33 12.61 -9.02
O3X NDP I . -28.87 10.80 -10.73
CAF A1IXP J . -21.73 0.07 -3.44
CAC A1IXP J . -21.54 1.20 -4.15
SAV A1IXP J . -22.68 2.35 -4.74
CAB A1IXP J . -21.46 3.31 -5.49
NAA A1IXP J . -21.65 4.44 -6.18
NAE A1IXP J . -20.27 2.77 -5.27
CAD A1IXP J . -20.29 1.63 -4.55
CAI A1IXP J . -19.22 0.90 -4.21
CAH A1IXP J . -19.36 -0.29 -3.49
CAG A1IXP J . -20.63 -0.71 -3.07
CAJ A1IXP J . -20.73 -1.89 -2.32
OAK A1IXP J . -21.82 -2.45 -2.14
NAL A1IXP J . -19.57 -2.34 -1.80
CAM A1IXP J . -19.46 -3.56 -0.98
CAN A1IXP J . -18.33 -4.42 -1.56
CAO A1IXP J . -18.19 -5.57 -0.80
CAP A1IXP J . -18.97 -5.74 0.35
CAQ A1IXP J . -18.86 -6.89 1.13
CLAU A1IXP J . -19.88 -7.09 2.62
CAR A1IXP J . -17.94 -7.88 0.74
CAS A1IXP J . -17.16 -7.70 -0.41
CAT A1IXP J . -17.28 -6.55 -1.18
PA NDP K . 7.70 -23.70 8.36
O1A NDP K . 7.52 -25.15 8.03
O2A NDP K . 6.73 -23.06 9.28
O5B NDP K . 9.21 -23.47 8.91
C5B NDP K . 10.32 -23.57 7.98
C4B NDP K . 11.60 -23.87 8.73
O4B NDP K . 11.81 -22.86 9.75
C3B NDP K . 11.64 -25.18 9.52
O3B NDP K . 11.96 -26.28 8.67
C2B NDP K . 12.64 -24.90 10.65
O2B NDP K . 13.94 -25.50 10.49
C1B NDP K . 12.76 -23.38 10.66
N9A NDP K . 12.55 -22.79 11.98
C8A NDP K . 11.37 -22.60 12.66
N7A NDP K . 11.53 -22.07 13.85
C5A NDP K . 12.90 -21.91 13.98
C6A NDP K . 13.71 -21.41 15.02
N6A NDP K . 13.23 -20.97 16.18
N1A NDP K . 15.05 -21.38 14.81
C2A NDP K . 15.54 -21.84 13.65
N3A NDP K . 14.88 -22.35 12.61
C4A NDP K . 13.55 -22.35 12.83
O3 NDP K . 7.75 -22.86 6.99
PN NDP K . 7.29 -23.00 5.46
O1N NDP K . 5.87 -23.42 5.45
O2N NDP K . 8.30 -23.77 4.66
O5D NDP K . 7.39 -21.44 5.05
C5D NDP K . 8.62 -20.83 4.58
C4D NDP K . 8.51 -19.32 4.70
O4D NDP K . 7.37 -18.85 3.92
C3D NDP K . 8.31 -18.78 6.12
O3D NDP K . 9.08 -17.61 6.35
C2D NDP K . 6.81 -18.53 6.16
O2D NDP K . 6.35 -17.59 7.11
C1D NDP K . 6.51 -18.09 4.73
N1N NDP K . 5.08 -18.35 4.37
C2N NDP K . 4.63 -19.62 4.14
C3N NDP K . 3.33 -19.88 3.78
C7N NDP K . 2.84 -21.30 3.69
O7N NDP K . 1.78 -21.52 3.08
N7N NDP K . 3.53 -22.30 4.24
C4N NDP K . 2.44 -18.73 3.49
C5N NDP K . 2.96 -17.42 3.91
C6N NDP K . 4.21 -17.28 4.29
P2B NDP K . 14.21 -26.93 11.22
O1X NDP K . 15.66 -27.28 10.95
O2X NDP K . 13.89 -26.90 12.71
O3X NDP K . 13.27 -27.85 10.47
CAF A1IXP L . 1.43 -20.94 6.69
CAC A1IXP L . 2.62 -20.68 7.25
SAV A1IXP L . 3.84 -21.72 7.79
CAB A1IXP L . 4.84 -20.47 8.29
NAA A1IXP L . 6.04 -20.60 8.85
NAE A1IXP L . 4.25 -19.30 8.05
CAD A1IXP L . 3.03 -19.40 7.48
CAI A1IXP L . 2.23 -18.38 7.12
CAH A1IXP L . 0.98 -18.60 6.55
CAG A1IXP L . 0.57 -19.91 6.31
CAJ A1IXP L . -0.69 -20.17 5.71
OAK A1IXP L . -1.14 -21.32 5.67
NAL A1IXP L . -1.33 -19.06 5.25
CAM A1IXP L . -2.64 -19.11 4.58
CAN A1IXP L . -3.51 -17.92 5.01
CAO A1IXP L . -4.76 -17.93 4.34
CAP A1IXP L . -5.04 -18.88 3.34
CAQ A1IXP L . -6.27 -18.88 2.68
CLAU A1IXP L . -6.59 -20.08 1.45
CAR A1IXP L . -7.23 -17.92 2.99
CAS A1IXP L . -6.95 -16.98 3.97
CAT A1IXP L . -5.72 -16.97 4.65
PA NDP M . 7.70 6.33 -24.11
O1A NDP M . 8.93 6.29 -24.96
O2A NDP M . 7.45 7.64 -23.44
O5B NDP M . 6.42 5.90 -24.97
C5B NDP M . 6.19 4.55 -25.40
C4B NDP M . 5.36 4.60 -26.66
O4B NDP M . 3.98 4.90 -26.38
C3B NDP M . 5.73 5.69 -27.69
O3B NDP M . 6.88 5.35 -28.45
C2B NDP M . 4.45 5.79 -28.53
O2B NDP M . 4.44 5.10 -29.79
C1B NDP M . 3.37 5.20 -27.61
N9A NDP M . 2.23 6.10 -27.49
C8A NDP M . 2.17 7.37 -26.97
N7A NDP M . 1.01 7.95 -27.17
C5A NDP M . 0.28 7.04 -27.92
C6A NDP M . -1.01 7.07 -28.47
N6A NDP M . -1.86 8.09 -28.38
N1A NDP M . -1.39 5.99 -29.21
C2A NDP M . -0.55 4.96 -29.33
N3A NDP M . 0.68 4.82 -28.85
C4A NDP M . 1.03 5.90 -28.14
O3 NDP M . 7.72 5.21 -22.97
PN NDP M . 8.93 4.51 -22.20
O1N NDP M . 9.74 5.61 -21.57
O2N NDP M . 9.50 3.55 -23.19
O5D NDP M . 8.18 3.67 -21.03
C5D NDP M . 7.50 2.39 -21.28
C4D NDP M . 6.46 2.14 -20.19
O4D NDP M . 7.13 2.26 -18.90
C3D NDP M . 5.29 3.15 -20.17
O3D NDP M . 3.98 2.60 -19.95
C2D NDP M . 5.71 4.13 -19.06
O2D NDP M . 4.59 4.81 -18.49
C1D NDP M . 6.48 3.24 -18.10
N1N NDP M . 7.51 3.99 -17.29
C2N NDP M . 8.61 4.60 -17.85
C3N NDP M . 9.61 5.14 -17.09
C7N NDP M . 10.84 5.68 -17.72
O7N NDP M . 11.77 6.04 -16.98
N7N NDP M . 10.90 5.79 -19.04
C4N NDP M . 9.42 5.20 -15.61
C5N NDP M . 8.05 4.88 -15.21
C6N NDP M . 7.33 4.06 -15.92
P2B NDP M . 4.97 5.85 -31.16
O1X NDP M . 6.40 6.26 -30.84
O2X NDP M . 4.90 4.81 -32.25
O3X NDP M . 4.10 7.04 -31.47
CAF A1IXP N . 9.20 8.81 -17.64
CAC A1IXP N . 8.19 8.29 -18.36
SAV A1IXP N . 7.98 8.07 -20.15
CAB A1IXP N . 6.46 7.36 -19.97
NAA A1IXP N . 5.70 6.94 -20.97
NAE A1IXP N . 6.14 7.29 -18.68
CAD A1IXP N . 7.05 7.79 -17.78
CAI A1IXP N . 6.93 7.82 -16.43
CAH A1IXP N . 7.95 8.37 -15.64
CAG A1IXP N . 9.12 8.87 -16.24
CAJ A1IXP N . 10.15 9.41 -15.42
OAK A1IXP N . 11.11 10.01 -15.90
NAL A1IXP N . 10.01 9.15 -14.09
CAM A1IXP N . 11.00 9.57 -13.05
CAN A1IXP N . 10.30 10.38 -11.94
CAO A1IXP N . 11.14 10.65 -10.84
CAP A1IXP N . 12.52 10.54 -10.96
CAQ A1IXP N . 13.36 10.78 -9.88
CLAU A1IXP N . 15.02 10.60 -10.14
CAR A1IXP N . 12.82 11.16 -8.65
CAS A1IXP N . 11.45 11.28 -8.52
CAT A1IXP N . 10.59 11.02 -9.59
#